data_4C5F
#
_entry.id   4C5F
#
_cell.length_a   49.865
_cell.length_b   114.651
_cell.length_c   61.404
_cell.angle_alpha   90.00
_cell.angle_beta   93.47
_cell.angle_gamma   90.00
#
_symmetry.space_group_name_H-M   'P 1 21 1'
#
loop_
_entity.id
_entity.type
_entity.pdbx_description
1 polymer 'MEMBRANE-BOUND LYTIC MUREIN TRANSGLYCOSYLASE C'
2 water water
#
_entity_poly.entity_id   1
_entity_poly.type   'polypeptide(L)'
_entity_poly.pdbx_seq_one_letter_code
;MTKKGDTYNEAWVKDTNGFDILMGQFAHNIENIWGFKEVVIAGPKDYVKYTDQYQTRSHINFDDGTITIETIAGTEPAAH
LRRAIIKTLLMGDDPSSVDLYSDVDDITISKEPFLYGQVVDNTGQPIRWEGRASNFADYLLKNRLKSRSNGLRIIYSVTI
NMVPNHLDKRAHKYLGMVRQASRKYGVDESLILAIMQTESSFNPYAVSRSDALGLMQVVQHTAGKDVFRSQGKSGTPSRS
FLFDPASNIDTGTAYLAMLNNVYLGGIDNPTSRRYAVITAYNGGAGSVLRVFSNDKIQAANIINTMTPGDVYQTLTTRHP
SAESRRYLYKVNTAQKSYRRR
;
_entity_poly.pdbx_strand_id   A,B
#
# COMPACT_ATOMS: atom_id res chain seq x y z
N TRP A 12 12.88 33.39 -8.58
CA TRP A 12 12.82 33.85 -9.96
C TRP A 12 11.58 34.74 -10.21
N VAL A 13 11.37 35.81 -9.44
CA VAL A 13 10.26 36.76 -9.73
C VAL A 13 10.32 38.13 -9.01
N LYS A 14 9.19 38.84 -9.05
CA LYS A 14 8.94 39.97 -8.15
C LYS A 14 7.92 39.46 -7.14
N ASP A 15 7.35 38.29 -7.43
CA ASP A 15 6.56 37.50 -6.49
C ASP A 15 7.37 37.17 -5.25
N THR A 16 8.62 36.77 -5.45
CA THR A 16 9.52 36.42 -4.34
C THR A 16 9.82 37.65 -3.51
N ASN A 17 10.05 38.76 -4.21
CA ASN A 17 10.43 40.01 -3.57
C ASN A 17 9.26 40.70 -2.86
N GLY A 18 8.07 40.67 -3.45
CA GLY A 18 6.89 41.20 -2.78
C GLY A 18 6.56 40.38 -1.55
N PHE A 19 6.83 39.09 -1.67
CA PHE A 19 6.67 38.12 -0.61
C PHE A 19 7.76 38.24 0.45
N ASP A 20 8.93 38.64 0.00
CA ASP A 20 10.01 38.87 0.93
C ASP A 20 9.71 40.03 1.87
N ILE A 21 9.07 41.04 1.32
CA ILE A 21 8.78 42.26 2.05
C ILE A 21 7.64 42.00 3.03
N LEU A 22 6.61 41.30 2.54
CA LEU A 22 5.47 40.89 3.38
C LEU A 22 5.98 40.11 4.59
N MET A 23 6.91 39.19 4.35
CA MET A 23 7.57 38.48 5.44
C MET A 23 8.14 39.42 6.49
N GLY A 24 8.99 40.35 6.04
CA GLY A 24 9.59 41.35 6.89
C GLY A 24 8.56 42.16 7.63
N GLN A 25 7.53 42.58 6.91
CA GLN A 25 6.43 43.35 7.49
C GLN A 25 5.67 42.52 8.53
N PHE A 26 5.33 41.27 8.16
CA PHE A 26 4.60 40.39 9.06
C PHE A 26 5.36 40.19 10.36
N ALA A 27 6.63 39.83 10.25
CA ALA A 27 7.45 39.56 11.42
C ALA A 27 7.61 40.79 12.29
N HIS A 28 7.58 41.96 11.66
CA HIS A 28 7.82 43.18 12.41
C HIS A 28 6.59 43.51 13.24
N ASN A 29 5.42 43.20 12.69
CA ASN A 29 4.18 43.40 13.43
C ASN A 29 4.12 42.52 14.68
N ILE A 30 4.72 41.34 14.62
CA ILE A 30 4.69 40.44 15.76
C ILE A 30 5.66 40.95 16.80
N GLU A 31 6.81 41.37 16.32
CA GLU A 31 7.88 41.83 17.18
C GLU A 31 7.45 42.99 18.05
N ASN A 32 6.64 43.87 17.48
CA ASN A 32 6.17 45.04 18.19
C ASN A 32 5.25 44.71 19.38
N ILE A 33 4.64 43.54 19.35
CA ILE A 33 3.62 43.22 20.33
C ILE A 33 4.12 42.19 21.35
N TRP A 34 4.93 41.24 20.89
CA TRP A 34 5.33 40.12 21.73
C TRP A 34 6.75 40.33 22.27
N GLY A 35 7.48 41.25 21.65
CA GLY A 35 8.87 41.48 21.99
C GLY A 35 9.71 40.58 21.11
N PHE A 36 10.96 40.95 20.88
CA PHE A 36 11.77 40.22 19.91
C PHE A 36 11.90 38.73 20.25
N LYS A 37 12.00 38.39 21.53
CA LYS A 37 12.27 36.99 21.89
C LYS A 37 11.05 36.09 21.67
N GLU A 38 9.89 36.68 21.42
CA GLU A 38 8.64 35.93 21.28
C GLU A 38 8.10 35.93 19.86
N VAL A 39 8.98 36.21 18.89
CA VAL A 39 8.58 36.21 17.48
C VAL A 39 8.49 34.76 17.00
N VAL A 40 7.27 34.28 16.80
CA VAL A 40 7.08 32.91 16.35
C VAL A 40 6.33 32.88 15.02
N ILE A 41 6.87 32.12 14.07
CA ILE A 41 6.34 32.12 12.74
C ILE A 41 6.15 30.70 12.25
N ALA A 42 5.11 30.53 11.44
CA ALA A 42 4.84 29.30 10.75
C ALA A 42 6.12 28.73 10.15
N GLY A 43 6.23 27.42 10.19
CA GLY A 43 7.38 26.73 9.65
C GLY A 43 6.94 25.50 8.89
N PRO A 44 7.90 24.69 8.42
CA PRO A 44 7.54 23.47 7.68
C PRO A 44 6.78 22.47 8.60
N LYS A 45 7.26 22.36 9.82
CA LYS A 45 6.64 21.43 10.74
C LYS A 45 5.80 22.15 11.81
N ASP A 46 5.45 23.41 11.55
CA ASP A 46 4.73 24.23 12.54
C ASP A 46 3.73 25.18 11.90
N TYR A 47 2.47 25.01 12.28
CA TYR A 47 1.44 25.93 11.83
C TYR A 47 1.34 27.01 12.88
N VAL A 48 1.46 28.26 12.45
CA VAL A 48 1.29 29.39 13.37
C VAL A 48 0.42 30.41 12.68
N LYS A 49 -0.73 30.69 13.26
CA LYS A 49 -1.69 31.62 12.67
C LYS A 49 -2.06 32.72 13.64
N TYR A 50 -1.73 33.96 13.27
CA TYR A 50 -2.06 35.14 14.06
C TYR A 50 -3.46 35.64 13.73
N THR A 51 -4.17 36.05 14.78
CA THR A 51 -5.48 36.69 14.65
C THR A 51 -5.53 37.84 15.64
N ASP A 52 -6.67 38.53 15.73
CA ASP A 52 -6.89 39.55 16.76
C ASP A 52 -5.81 40.63 16.70
N GLN A 53 -5.52 41.11 15.49
CA GLN A 53 -4.50 42.14 15.31
C GLN A 53 -3.16 41.75 15.94
N TYR A 54 -2.77 40.48 15.77
CA TYR A 54 -1.49 39.93 16.27
C TYR A 54 -1.44 39.71 17.80
N GLN A 55 -2.56 39.93 18.48
CA GLN A 55 -2.63 39.67 19.92
C GLN A 55 -2.75 38.17 20.26
N THR A 56 -3.34 37.41 19.32
CA THR A 56 -3.61 36.00 19.50
C THR A 56 -2.94 35.14 18.43
N ARG A 57 -2.27 34.08 18.85
CA ARG A 57 -1.75 33.15 17.86
C ARG A 57 -2.12 31.66 18.21
N SER A 58 -2.30 30.88 17.15
CA SER A 58 -2.67 29.46 17.27
C SER A 58 -1.55 28.62 16.68
N HIS A 59 -0.86 27.90 17.54
CA HIS A 59 0.34 27.20 17.11
C HIS A 59 0.16 25.65 17.13
N ILE A 60 0.27 25.03 15.94
CA ILE A 60 0.32 23.56 15.89
C ILE A 60 1.73 23.04 15.62
N ASN A 61 2.31 22.40 16.61
CA ASN A 61 3.60 21.75 16.44
C ASN A 61 3.37 20.29 16.00
N PHE A 62 3.60 20.03 14.70
CA PHE A 62 3.27 18.73 14.10
C PHE A 62 4.31 17.71 14.40
N ASP A 63 5.43 18.17 14.92
CA ASP A 63 6.53 17.28 15.20
C ASP A 63 6.32 16.58 16.55
N ASP A 64 5.86 17.31 17.56
CA ASP A 64 5.68 16.70 18.87
C ASP A 64 4.21 16.69 19.29
N GLY A 65 3.30 17.05 18.38
CA GLY A 65 1.88 16.83 18.59
C GLY A 65 1.21 17.70 19.63
N THR A 66 1.43 19.01 19.57
CA THR A 66 0.84 19.90 20.56
C THR A 66 0.15 21.04 19.85
N ILE A 67 -0.98 21.47 20.42
CA ILE A 67 -1.66 22.64 19.92
C ILE A 67 -1.64 23.61 21.07
N THR A 68 -0.89 24.71 20.90
CA THR A 68 -0.74 25.75 21.93
C THR A 68 -1.41 27.02 21.45
N ILE A 69 -2.48 27.45 22.11
CA ILE A 69 -3.18 28.67 21.71
C ILE A 69 -2.79 29.81 22.66
N GLU A 70 -2.24 30.90 22.12
CA GLU A 70 -1.73 31.96 22.99
C GLU A 70 -2.35 33.32 22.72
N THR A 71 -2.44 34.15 23.75
CA THR A 71 -2.83 35.56 23.59
C THR A 71 -2.10 36.46 24.58
N ILE A 72 -1.73 37.64 24.09
CA ILE A 72 -1.06 38.65 24.91
C ILE A 72 -2.02 39.85 25.06
N ALA A 73 -3.23 39.70 24.55
CA ALA A 73 -4.28 40.69 24.76
C ALA A 73 -4.51 40.93 26.26
N GLY A 74 -4.57 42.19 26.66
CA GLY A 74 -4.67 42.54 28.08
C GLY A 74 -6.09 42.49 28.61
N THR A 75 -7.06 42.70 27.72
CA THR A 75 -8.46 42.68 28.09
C THR A 75 -9.17 41.43 27.60
N GLU A 76 -9.87 40.76 28.52
CA GLU A 76 -10.61 39.54 28.20
C GLU A 76 -9.79 38.48 27.46
N PRO A 77 -8.62 38.08 28.01
CA PRO A 77 -7.77 37.09 27.33
C PRO A 77 -8.46 35.74 27.13
N ALA A 78 -9.25 35.32 28.10
CA ALA A 78 -9.96 34.05 28.04
C ALA A 78 -10.92 34.07 26.86
N ALA A 79 -11.52 35.23 26.63
CA ALA A 79 -12.40 35.37 25.48
C ALA A 79 -11.65 35.22 24.14
N HIS A 80 -10.44 35.78 24.08
CA HIS A 80 -9.58 35.72 22.90
C HIS A 80 -9.18 34.28 22.60
N LEU A 81 -8.85 33.55 23.66
CA LEU A 81 -8.41 32.18 23.52
C LEU A 81 -9.54 31.27 23.03
N ARG A 82 -10.75 31.45 23.57
CA ARG A 82 -11.89 30.61 23.21
C ARG A 82 -12.14 30.60 21.72
N ARG A 83 -12.04 31.78 21.12
CA ARG A 83 -12.35 31.95 19.69
C ARG A 83 -11.36 31.18 18.82
N ALA A 84 -10.09 31.27 19.18
CA ALA A 84 -9.05 30.59 18.44
C ALA A 84 -9.09 29.04 18.62
N ILE A 85 -9.32 28.59 19.84
CA ILE A 85 -9.44 27.17 20.12
C ILE A 85 -10.49 26.51 19.23
N ILE A 86 -11.67 27.11 19.16
CA ILE A 86 -12.74 26.46 18.41
C ILE A 86 -12.45 26.41 16.91
N LYS A 87 -12.01 27.52 16.33
CA LYS A 87 -11.72 27.60 14.91
C LYS A 87 -10.55 26.65 14.52
N THR A 88 -9.52 26.58 15.36
CA THR A 88 -8.38 25.71 15.08
C THR A 88 -8.79 24.24 15.05
N LEU A 89 -9.59 23.84 16.03
CA LEU A 89 -10.09 22.49 16.10
C LEU A 89 -11.02 22.19 14.92
N LEU A 90 -11.74 23.20 14.41
CA LEU A 90 -12.74 22.95 13.36
C LEU A 90 -12.33 23.30 11.92
N MET A 91 -11.16 23.94 11.76
CA MET A 91 -10.75 24.44 10.44
C MET A 91 -10.62 23.30 9.44
N GLY A 92 -11.25 23.51 8.28
CA GLY A 92 -11.08 22.60 7.17
C GLY A 92 -9.77 23.00 6.54
N ASP A 93 -9.01 22.03 6.05
CA ASP A 93 -7.79 22.40 5.38
C ASP A 93 -8.04 22.75 3.93
N ASP A 94 -7.84 24.00 3.61
CA ASP A 94 -7.54 24.32 2.22
C ASP A 94 -6.40 25.32 2.31
N PRO A 95 -5.18 24.79 2.35
CA PRO A 95 -3.98 25.57 2.66
C PRO A 95 -3.65 26.60 1.59
N SER A 96 -4.22 26.42 0.40
CA SER A 96 -4.05 27.37 -0.69
C SER A 96 -4.77 28.68 -0.38
N SER A 97 -5.67 28.61 0.59
CA SER A 97 -6.56 29.72 0.92
C SER A 97 -6.20 30.34 2.25
N VAL A 98 -5.19 29.79 2.91
CA VAL A 98 -4.83 30.25 4.23
C VAL A 98 -3.56 31.09 4.16
N ASP A 99 -3.57 32.26 4.78
CA ASP A 99 -2.42 33.16 4.79
C ASP A 99 -1.80 33.21 6.16
N LEU A 100 -0.70 32.50 6.31
CA LEU A 100 -0.06 32.33 7.59
C LEU A 100 0.92 33.48 7.82
N TYR A 101 0.90 34.44 6.89
CA TYR A 101 1.73 35.65 6.97
C TYR A 101 0.88 36.92 7.05
N SER A 102 -0.36 36.76 7.53
CA SER A 102 -1.21 37.89 7.87
C SER A 102 -2.08 37.58 9.09
N ASP A 103 -2.60 38.64 9.70
CA ASP A 103 -3.45 38.47 10.87
C ASP A 103 -4.92 38.38 10.50
N VAL A 104 -5.19 38.23 9.20
CA VAL A 104 -6.56 38.14 8.72
C VAL A 104 -7.17 36.83 9.16
N ASP A 105 -8.45 36.83 9.53
CA ASP A 105 -9.11 35.57 9.84
C ASP A 105 -9.70 34.92 8.58
N ASP A 106 -8.85 34.19 7.84
CA ASP A 106 -9.25 33.41 6.66
C ASP A 106 -9.49 31.96 7.03
N ILE A 107 -9.64 31.72 8.34
CA ILE A 107 -10.00 30.41 8.90
C ILE A 107 -11.48 30.08 8.69
N THR A 108 -11.74 28.91 8.11
CA THR A 108 -13.07 28.52 7.66
C THR A 108 -13.48 27.19 8.30
N ILE A 109 -14.73 27.08 8.74
CA ILE A 109 -15.17 25.85 9.41
C ILE A 109 -15.87 24.94 8.41
N SER A 110 -15.39 23.70 8.28
CA SER A 110 -15.98 22.73 7.34
C SER A 110 -16.54 21.51 8.08
N LYS A 111 -17.20 20.63 7.34
CA LYS A 111 -17.78 19.39 7.87
C LYS A 111 -16.69 18.40 8.27
N GLU A 112 -15.49 18.61 7.73
CA GLU A 112 -14.32 17.78 8.00
C GLU A 112 -13.15 18.63 8.46
N PRO A 113 -13.02 18.84 9.77
CA PRO A 113 -11.87 19.57 10.31
C PRO A 113 -10.59 18.88 9.89
N PHE A 114 -9.52 19.64 9.63
CA PHE A 114 -8.25 19.01 9.32
C PHE A 114 -7.75 18.14 10.48
N LEU A 115 -7.90 18.64 11.71
CA LEU A 115 -7.44 17.91 12.90
C LEU A 115 -8.34 16.76 13.41
N TYR A 116 -9.42 16.43 12.68
CA TYR A 116 -10.37 15.38 13.11
C TYR A 116 -9.71 14.01 13.25
N GLY A 117 -9.70 13.46 14.47
CA GLY A 117 -9.03 12.20 14.72
C GLY A 117 -7.58 12.35 15.21
N GLN A 118 -7.05 13.57 15.14
CA GLN A 118 -5.71 13.85 15.63
C GLN A 118 -5.78 14.38 17.06
N VAL A 119 -6.93 14.94 17.43
CA VAL A 119 -7.13 15.37 18.83
C VAL A 119 -8.51 14.89 19.39
N VAL A 120 -8.58 14.55 20.67
CA VAL A 120 -9.88 14.29 21.31
C VAL A 120 -10.12 15.25 22.43
N ASP A 121 -11.39 15.49 22.73
CA ASP A 121 -11.73 16.35 23.86
C ASP A 121 -11.46 15.61 25.18
N ASN A 122 -11.80 16.25 26.29
CA ASN A 122 -11.50 15.69 27.60
C ASN A 122 -12.41 14.47 27.89
N THR A 123 -13.43 14.24 27.06
CA THR A 123 -14.20 12.99 27.16
C THR A 123 -13.67 11.93 26.20
N GLY A 124 -12.59 12.22 25.50
CA GLY A 124 -11.91 11.22 24.71
C GLY A 124 -12.52 10.99 23.34
N GLN A 125 -13.45 11.87 22.94
CA GLN A 125 -14.09 11.81 21.64
C GLN A 125 -13.42 12.79 20.62
N PRO A 126 -13.36 12.36 19.34
CA PRO A 126 -12.87 13.25 18.28
C PRO A 126 -13.88 14.38 18.07
N ILE A 127 -13.43 15.49 17.50
CA ILE A 127 -14.20 16.73 17.47
C ILE A 127 -14.50 17.12 16.02
N ARG A 128 -15.78 17.21 15.68
CA ARG A 128 -16.19 17.43 14.32
C ARG A 128 -17.31 18.45 14.24
N TRP A 129 -17.88 18.81 15.40
CA TRP A 129 -19.00 19.73 15.45
C TRP A 129 -18.69 20.88 16.39
N GLU A 130 -19.42 21.98 16.25
CA GLU A 130 -19.06 23.20 16.96
C GLU A 130 -19.39 23.10 18.44
N GLY A 131 -20.39 22.28 18.75
CA GLY A 131 -20.83 22.09 20.11
C GLY A 131 -19.74 21.47 20.97
N ARG A 132 -19.20 20.34 20.50
CA ARG A 132 -18.18 19.64 21.27
C ARG A 132 -16.92 20.47 21.40
N ALA A 133 -16.60 21.21 20.34
CA ALA A 133 -15.44 22.08 20.34
C ALA A 133 -15.60 23.18 21.38
N SER A 134 -16.80 23.74 21.46
CA SER A 134 -17.12 24.76 22.47
C SER A 134 -17.02 24.21 23.89
N ASN A 135 -17.67 23.08 24.16
CA ASN A 135 -17.60 22.47 25.49
C ASN A 135 -16.15 22.20 25.89
N PHE A 136 -15.36 21.80 24.90
CA PHE A 136 -13.97 21.46 25.15
C PHE A 136 -13.16 22.74 25.38
N ALA A 137 -13.54 23.82 24.72
CA ALA A 137 -12.80 25.06 24.89
C ALA A 137 -13.01 25.61 26.31
N ASP A 138 -14.26 25.61 26.75
CA ASP A 138 -14.65 26.08 28.10
C ASP A 138 -13.97 25.27 29.20
N TYR A 139 -13.88 23.95 28.97
CA TYR A 139 -13.17 23.06 29.88
C TYR A 139 -11.69 23.45 30.04
N LEU A 140 -11.01 23.64 28.90
CA LEU A 140 -9.59 24.03 28.88
C LEU A 140 -9.38 25.37 29.55
N LEU A 141 -10.31 26.27 29.31
CA LEU A 141 -10.23 27.62 29.84
C LEU A 141 -10.45 27.64 31.35
N LYS A 142 -11.17 26.63 31.87
CA LYS A 142 -11.46 26.55 33.31
C LYS A 142 -10.42 25.68 34.04
N ASN A 143 -9.74 24.81 33.33
CA ASN A 143 -8.87 23.84 33.99
C ASN A 143 -7.45 23.78 33.50
N ARG A 144 -7.19 24.40 32.34
CA ARG A 144 -5.90 24.32 31.69
C ARG A 144 -5.39 25.69 31.21
N LEU A 145 -5.84 26.75 31.87
CA LEU A 145 -5.40 28.10 31.51
C LEU A 145 -4.07 28.40 32.18
N LYS A 146 -3.05 28.67 31.38
CA LYS A 146 -1.72 28.96 31.89
C LYS A 146 -1.44 30.44 31.67
N SER A 147 -0.43 30.95 32.35
CA SER A 147 -0.05 32.35 32.26
C SER A 147 1.44 32.42 32.40
N ARG A 148 2.02 33.30 31.61
CA ARG A 148 3.46 33.45 31.48
C ARG A 148 3.82 34.93 31.45
N SER A 149 5.05 35.27 31.84
CA SER A 149 5.51 36.66 31.68
C SER A 149 6.63 36.72 30.62
N ASN A 150 6.52 37.63 29.65
CA ASN A 150 7.63 37.78 28.69
C ASN A 150 8.71 38.75 29.20
N GLY A 151 8.60 39.09 30.49
CA GLY A 151 9.47 40.07 31.13
C GLY A 151 8.77 41.40 31.38
N LEU A 152 7.74 41.67 30.58
CA LEU A 152 7.07 42.96 30.55
C LEU A 152 5.53 42.86 30.59
N ARG A 153 4.98 41.74 30.13
CA ARG A 153 3.52 41.62 29.93
C ARG A 153 3.02 40.14 29.96
N ILE A 154 1.75 39.93 30.31
CA ILE A 154 1.26 38.56 30.57
C ILE A 154 0.70 37.86 29.32
N ILE A 155 1.28 36.71 29.00
CA ILE A 155 0.70 35.84 27.96
C ILE A 155 -0.13 34.69 28.54
N TYR A 156 -1.41 34.67 28.18
CA TYR A 156 -2.31 33.57 28.55
C TYR A 156 -2.42 32.48 27.48
N SER A 157 -2.43 31.21 27.91
CA SER A 157 -2.46 30.09 26.97
C SER A 157 -3.21 28.83 27.44
N VAL A 158 -3.47 28.00 26.43
CA VAL A 158 -4.09 26.71 26.54
C VAL A 158 -3.21 25.76 25.73
N THR A 159 -2.78 24.65 26.31
CA THR A 159 -2.10 23.60 25.56
C THR A 159 -3.04 22.40 25.43
N ILE A 160 -3.09 21.84 24.23
CA ILE A 160 -3.87 20.68 23.88
C ILE A 160 -2.92 19.62 23.30
N ASN A 161 -2.90 18.40 23.86
CA ASN A 161 -2.06 17.32 23.31
C ASN A 161 -2.80 16.47 22.33
N MET A 162 -2.18 16.18 21.20
CA MET A 162 -2.81 15.37 20.18
C MET A 162 -2.74 13.87 20.51
N VAL A 163 -3.55 13.06 19.83
CA VAL A 163 -3.48 11.62 20.09
C VAL A 163 -2.05 11.16 19.83
N PRO A 164 -1.60 10.15 20.58
CA PRO A 164 -0.24 9.61 20.47
C PRO A 164 0.14 9.25 19.03
N ASN A 165 -0.81 8.75 18.23
CA ASN A 165 -0.52 8.29 16.87
C ASN A 165 -0.97 9.33 15.83
N HIS A 166 -0.83 10.62 16.20
CA HIS A 166 -1.24 11.73 15.34
C HIS A 166 -0.49 11.71 14.03
N LEU A 167 0.79 11.33 14.05
CA LEU A 167 1.56 11.33 12.80
C LEU A 167 1.01 10.29 11.79
N ASP A 168 0.67 9.08 12.26
CA ASP A 168 0.16 8.05 11.35
C ASP A 168 -1.22 8.42 10.83
N LYS A 169 -1.98 9.12 11.66
CA LYS A 169 -3.36 9.46 11.34
C LYS A 169 -3.33 10.52 10.25
N ARG A 170 -2.35 11.42 10.34
CA ARG A 170 -2.20 12.54 9.41
C ARG A 170 -1.58 12.02 8.08
N ALA A 171 -0.67 11.07 8.16
CA ALA A 171 -0.07 10.50 6.95
C ALA A 171 -1.07 9.66 6.13
N HIS A 172 -2.07 9.12 6.83
CA HIS A 172 -3.15 8.33 6.22
C HIS A 172 -3.88 9.12 5.15
N LYS A 173 -3.95 10.43 5.36
CA LYS A 173 -4.57 11.34 4.39
C LYS A 173 -3.81 11.32 3.05
N TYR A 174 -2.54 10.89 3.02
CA TYR A 174 -1.75 11.05 1.79
C TYR A 174 -1.15 9.78 1.20
N LEU A 175 -1.55 8.62 1.72
CA LEU A 175 -1.00 7.33 1.30
C LEU A 175 -1.42 6.97 -0.13
N GLY A 176 -2.66 7.31 -0.50
CA GLY A 176 -3.10 7.07 -1.86
C GLY A 176 -2.26 7.87 -2.85
N MET A 177 -2.10 9.15 -2.56
CA MET A 177 -1.28 10.01 -3.39
C MET A 177 0.14 9.43 -3.44
N VAL A 178 0.67 8.93 -2.32
CA VAL A 178 2.01 8.34 -2.39
C VAL A 178 2.06 7.08 -3.28
N ARG A 179 1.02 6.24 -3.20
CA ARG A 179 0.98 4.99 -3.98
C ARG A 179 0.95 5.32 -5.47
N GLN A 180 0.12 6.30 -5.87
CA GLN A 180 0.10 6.77 -7.26
C GLN A 180 1.47 7.22 -7.77
N ALA A 181 2.06 8.20 -7.09
CA ALA A 181 3.34 8.80 -7.47
C ALA A 181 4.44 7.76 -7.52
N SER A 182 4.39 6.83 -6.56
CA SER A 182 5.34 5.71 -6.49
C SER A 182 5.32 4.79 -7.70
N ARG A 183 4.12 4.42 -8.15
CA ARG A 183 4.03 3.49 -9.26
C ARG A 183 4.39 4.26 -10.55
N LYS A 184 4.02 5.53 -10.58
CA LYS A 184 4.24 6.39 -11.73
C LYS A 184 5.72 6.66 -12.01
N TYR A 185 6.47 6.98 -10.98
CA TYR A 185 7.83 7.46 -11.18
C TYR A 185 8.92 6.41 -10.84
N GLY A 186 8.55 5.28 -10.26
CA GLY A 186 9.56 4.26 -9.96
C GLY A 186 10.31 4.51 -8.67
N VAL A 187 9.70 5.33 -7.81
CA VAL A 187 10.25 5.67 -6.51
C VAL A 187 9.48 4.95 -5.40
N ASP A 188 10.21 4.28 -4.50
CA ASP A 188 9.60 3.55 -3.39
C ASP A 188 8.75 4.42 -2.50
N GLU A 189 7.58 3.90 -2.16
CA GLU A 189 6.70 4.52 -1.19
C GLU A 189 7.41 4.90 0.11
N SER A 190 8.29 4.02 0.59
CA SER A 190 8.95 4.23 1.85
C SER A 190 9.90 5.45 1.82
N LEU A 191 10.53 5.70 0.65
CA LEU A 191 11.39 6.86 0.43
C LEU A 191 10.54 8.11 0.36
N ILE A 192 9.42 8.03 -0.35
CA ILE A 192 8.52 9.17 -0.48
C ILE A 192 7.99 9.63 0.88
N LEU A 193 7.47 8.70 1.68
CA LEU A 193 6.95 9.02 3.00
C LEU A 193 8.06 9.52 3.90
N ALA A 194 9.26 8.93 3.79
CA ALA A 194 10.40 9.32 4.65
C ALA A 194 10.85 10.73 4.34
N ILE A 195 10.84 11.08 3.06
CA ILE A 195 11.15 12.44 2.71
C ILE A 195 10.05 13.35 3.24
N MET A 196 8.80 12.97 2.98
CA MET A 196 7.67 13.79 3.39
C MET A 196 7.67 14.00 4.90
N GLN A 197 7.86 12.91 5.66
CA GLN A 197 7.87 13.04 7.12
C GLN A 197 8.98 13.99 7.62
N THR A 198 10.16 13.83 7.05
CA THR A 198 11.30 14.58 7.51
C THR A 198 11.19 16.07 7.19
N GLU A 199 10.46 16.38 6.11
CA GLU A 199 10.26 17.75 5.61
C GLU A 199 9.16 18.53 6.31
N SER A 200 7.99 17.91 6.47
CA SER A 200 6.86 18.66 7.04
C SER A 200 6.07 17.95 8.17
N SER A 201 6.46 16.73 8.53
CA SER A 201 5.63 15.83 9.36
C SER A 201 4.20 15.84 8.85
N PHE A 202 4.04 15.75 7.53
CA PHE A 202 2.73 15.65 6.87
C PHE A 202 1.85 16.83 7.20
N ASN A 203 2.47 18.02 7.20
CA ASN A 203 1.77 19.29 7.36
C ASN A 203 1.46 19.92 6.00
N PRO A 204 0.18 20.02 5.63
CA PRO A 204 -0.14 20.60 4.32
C PRO A 204 -0.03 22.12 4.23
N TYR A 205 0.26 22.78 5.36
CA TYR A 205 0.44 24.23 5.43
C TYR A 205 1.93 24.56 5.52
N ALA A 206 2.76 23.57 5.30
CA ALA A 206 4.22 23.74 5.43
C ALA A 206 4.78 24.88 4.56
N VAL A 207 5.53 25.77 5.20
CA VAL A 207 6.20 26.91 4.54
C VAL A 207 7.57 27.10 5.18
N SER A 208 8.59 27.19 4.34
CA SER A 208 9.97 27.34 4.81
C SER A 208 10.44 28.80 4.60
N ARG A 209 11.65 29.12 5.04
CA ARG A 209 12.20 30.43 4.68
C ARG A 209 13.32 30.19 3.69
N SER A 210 13.29 28.99 3.11
CA SER A 210 14.05 28.67 1.91
C SER A 210 13.08 28.51 0.73
N ASP A 211 11.85 29.00 0.90
CA ASP A 211 10.84 29.07 -0.19
C ASP A 211 10.34 27.68 -0.61
N ALA A 212 10.53 26.69 0.26
CA ALA A 212 9.97 25.36 0.08
C ALA A 212 8.50 25.41 0.41
N LEU A 213 7.66 24.81 -0.43
CA LEU A 213 6.22 24.81 -0.17
C LEU A 213 5.64 23.40 0.00
N GLY A 214 4.70 23.27 0.94
CA GLY A 214 3.87 22.08 0.98
C GLY A 214 4.51 20.85 1.61
N LEU A 215 3.82 19.72 1.44
CA LEU A 215 4.10 18.47 2.16
C LEU A 215 5.51 17.99 1.91
N MET A 216 5.99 18.17 0.67
CA MET A 216 7.32 17.70 0.31
C MET A 216 8.33 18.85 0.20
N GLN A 217 7.88 20.06 0.54
CA GLN A 217 8.76 21.23 0.61
C GLN A 217 9.48 21.43 -0.75
N VAL A 218 8.67 21.70 -1.76
CA VAL A 218 9.11 21.84 -3.13
C VAL A 218 9.44 23.31 -3.32
N VAL A 219 10.69 23.60 -3.65
CA VAL A 219 11.11 24.96 -3.97
C VAL A 219 10.66 25.23 -5.40
N GLN A 220 9.69 26.12 -5.59
CA GLN A 220 9.11 26.27 -6.91
C GLN A 220 10.14 26.60 -7.98
N HIS A 221 11.04 27.55 -7.67
CA HIS A 221 11.93 28.07 -8.70
C HIS A 221 13.10 27.15 -9.10
N THR A 222 13.56 26.25 -8.24
CA THR A 222 14.58 25.27 -8.68
C THR A 222 13.95 23.90 -9.03
N ALA A 223 13.57 23.12 -8.02
CA ALA A 223 13.04 21.77 -8.20
C ALA A 223 11.73 21.77 -8.98
N GLY A 224 10.84 22.72 -8.66
CA GLY A 224 9.55 22.87 -9.32
C GLY A 224 9.69 23.08 -10.81
N LYS A 225 10.47 24.09 -11.18
CA LYS A 225 10.76 24.41 -12.58
C LYS A 225 11.41 23.25 -13.35
N ASP A 226 12.40 22.64 -12.73
CA ASP A 226 13.11 21.46 -13.24
C ASP A 226 12.16 20.30 -13.56
N VAL A 227 11.15 20.08 -12.72
CA VAL A 227 10.26 18.95 -12.89
C VAL A 227 9.33 19.19 -14.06
N PHE A 228 8.84 20.42 -14.17
CA PHE A 228 7.96 20.80 -15.28
C PHE A 228 8.65 20.57 -16.63
N ARG A 229 9.92 20.96 -16.69
CA ARG A 229 10.73 20.83 -17.91
C ARG A 229 10.93 19.38 -18.27
N SER A 230 11.19 18.56 -17.26
CA SER A 230 11.45 17.15 -17.48
C SER A 230 10.26 16.47 -18.12
N GLN A 231 9.08 17.05 -17.90
CA GLN A 231 7.85 16.47 -18.39
C GLN A 231 7.33 17.27 -19.58
N GLY A 232 8.18 18.14 -20.12
CA GLY A 232 7.85 18.93 -21.30
C GLY A 232 6.80 19.99 -21.01
N LYS A 233 6.75 20.47 -19.77
CA LYS A 233 5.79 21.50 -19.43
C LYS A 233 6.50 22.83 -19.39
N SER A 234 5.75 23.90 -19.64
CA SER A 234 6.30 25.25 -19.56
C SER A 234 5.93 25.96 -18.28
N GLY A 235 6.73 26.96 -17.92
CA GLY A 235 6.51 27.76 -16.73
C GLY A 235 7.02 27.12 -15.48
N THR A 236 6.62 27.68 -14.33
CA THR A 236 6.93 27.11 -13.01
C THR A 236 5.60 26.91 -12.25
N PRO A 237 5.58 25.94 -11.31
CA PRO A 237 4.32 25.68 -10.57
C PRO A 237 3.94 26.83 -9.65
N SER A 238 2.67 27.19 -9.68
CA SER A 238 2.15 28.25 -8.83
C SER A 238 2.17 27.89 -7.35
N ARG A 239 1.90 28.90 -6.54
CA ARG A 239 1.91 28.74 -5.10
C ARG A 239 0.73 27.86 -4.68
N SER A 240 -0.39 28.04 -5.36
CA SER A 240 -1.60 27.26 -5.10
C SER A 240 -1.39 25.80 -5.48
N PHE A 241 -0.69 25.59 -6.59
CA PHE A 241 -0.40 24.26 -7.09
C PHE A 241 0.39 23.43 -6.09
N LEU A 242 1.35 24.05 -5.42
CA LEU A 242 2.24 23.30 -4.54
C LEU A 242 1.61 23.08 -3.13
N PHE A 243 0.55 23.83 -2.83
CA PHE A 243 -0.21 23.63 -1.60
C PHE A 243 -1.37 22.69 -1.85
N ASP A 244 -1.49 22.25 -3.10
CA ASP A 244 -2.33 21.10 -3.42
C ASP A 244 -1.56 19.82 -3.20
N PRO A 245 -1.98 19.00 -2.19
CA PRO A 245 -1.31 17.78 -1.75
C PRO A 245 -0.94 16.81 -2.88
N ALA A 246 -1.89 16.52 -3.75
CA ALA A 246 -1.60 15.58 -4.84
C ALA A 246 -0.60 16.18 -5.84
N SER A 247 -0.79 17.44 -6.19
CA SER A 247 0.14 18.13 -7.08
C SER A 247 1.55 18.14 -6.47
N ASN A 248 1.59 18.46 -5.18
CA ASN A 248 2.85 18.55 -4.44
C ASN A 248 3.59 17.23 -4.40
N ILE A 249 2.91 16.18 -3.91
CA ILE A 249 3.47 14.83 -3.84
C ILE A 249 3.88 14.32 -5.21
N ASP A 250 3.08 14.60 -6.24
CA ASP A 250 3.50 14.26 -7.61
C ASP A 250 4.81 15.01 -8.01
N THR A 251 4.88 16.32 -7.77
CA THR A 251 6.05 17.13 -8.12
C THR A 251 7.31 16.73 -7.35
N GLY A 252 7.17 16.52 -6.05
CA GLY A 252 8.30 16.15 -5.22
C GLY A 252 8.86 14.80 -5.56
N THR A 253 7.97 13.84 -5.86
CA THR A 253 8.37 12.48 -6.22
C THR A 253 9.06 12.46 -7.59
N ALA A 254 8.53 13.28 -8.51
CA ALA A 254 9.19 13.54 -9.79
C ALA A 254 10.64 14.06 -9.59
N TYR A 255 10.85 14.97 -8.63
CA TYR A 255 12.22 15.45 -8.41
C TYR A 255 13.10 14.35 -7.82
N LEU A 256 12.55 13.56 -6.89
CA LEU A 256 13.24 12.36 -6.39
C LEU A 256 13.70 11.40 -7.51
N ALA A 257 12.84 11.21 -8.51
CA ALA A 257 13.14 10.32 -9.64
C ALA A 257 14.18 10.97 -10.56
N MET A 258 14.10 12.28 -10.70
CA MET A 258 15.07 13.05 -11.47
C MET A 258 16.48 12.96 -10.87
N LEU A 259 16.58 13.12 -9.56
CA LEU A 259 17.86 12.98 -8.89
C LEU A 259 18.43 11.59 -9.11
N ASN A 260 17.52 10.63 -9.16
CA ASN A 260 17.93 9.22 -9.24
C ASN A 260 18.36 8.74 -10.65
N ASN A 261 17.66 9.22 -11.68
CA ASN A 261 17.90 8.83 -13.07
C ASN A 261 19.02 9.64 -13.73
N VAL A 262 18.91 10.96 -13.68
CA VAL A 262 19.81 11.83 -14.43
C VAL A 262 20.96 12.31 -13.49
N TYR A 263 20.65 13.06 -12.43
CA TYR A 263 21.69 13.73 -11.69
C TYR A 263 22.63 12.77 -10.94
N LEU A 264 22.09 11.72 -10.33
CA LEU A 264 22.94 10.79 -9.59
C LEU A 264 22.97 9.38 -10.21
N GLY A 265 22.61 9.29 -11.50
CA GLY A 265 22.49 8.01 -12.19
C GLY A 265 23.79 7.24 -12.43
N GLY A 266 24.92 7.93 -12.31
CA GLY A 266 26.23 7.33 -12.53
C GLY A 266 26.60 6.40 -11.40
N ILE A 267 25.84 6.50 -10.31
CA ILE A 267 25.98 5.61 -9.16
C ILE A 267 25.27 4.30 -9.49
N ASP A 268 25.97 3.19 -9.38
CA ASP A 268 25.43 1.96 -9.90
C ASP A 268 24.66 1.20 -8.82
N ASN A 269 25.24 1.10 -7.62
CA ASN A 269 24.57 0.45 -6.50
C ASN A 269 23.36 1.28 -6.07
N PRO A 270 22.16 0.67 -6.12
CA PRO A 270 20.90 1.39 -5.89
C PRO A 270 20.75 1.90 -4.46
N THR A 271 21.44 1.26 -3.52
CA THR A 271 21.36 1.65 -2.13
C THR A 271 22.35 2.80 -1.84
N SER A 272 23.46 2.82 -2.57
CA SER A 272 24.37 3.95 -2.53
C SER A 272 23.72 5.16 -3.19
N ARG A 273 23.03 4.94 -4.29
CA ARG A 273 22.36 6.03 -5.01
C ARG A 273 21.31 6.69 -4.12
N ARG A 274 20.51 5.88 -3.42
CA ARG A 274 19.49 6.41 -2.49
C ARG A 274 20.08 7.37 -1.42
N TYR A 275 21.14 6.94 -0.74
CA TYR A 275 21.81 7.79 0.25
C TYR A 275 22.16 9.12 -0.39
N ALA A 276 22.68 9.03 -1.62
CA ALA A 276 23.04 10.20 -2.37
C ALA A 276 21.83 11.03 -2.76
N VAL A 277 20.78 10.37 -3.24
CA VAL A 277 19.56 11.08 -3.62
C VAL A 277 18.89 11.82 -2.45
N ILE A 278 18.87 11.17 -1.29
CA ILE A 278 18.27 11.72 -0.09
C ILE A 278 19.01 12.98 0.34
N THR A 279 20.32 12.88 0.42
CA THR A 279 21.18 14.03 0.74
C THR A 279 21.02 15.14 -0.27
N ALA A 280 20.94 14.76 -1.54
CA ALA A 280 20.85 15.74 -2.61
C ALA A 280 19.51 16.45 -2.59
N TYR A 281 18.47 15.77 -2.13
CA TYR A 281 17.15 16.40 -2.06
C TYR A 281 17.15 17.66 -1.18
N ASN A 282 17.96 17.63 -0.13
CA ASN A 282 18.02 18.75 0.79
C ASN A 282 19.13 19.75 0.41
N GLY A 283 20.28 19.24 -0.03
CA GLY A 283 21.45 20.08 -0.22
C GLY A 283 21.87 20.34 -1.65
N GLY A 284 21.31 19.55 -2.58
CA GLY A 284 21.62 19.68 -4.01
C GLY A 284 22.48 18.55 -4.54
N ALA A 285 22.23 18.14 -5.79
CA ALA A 285 22.98 17.04 -6.39
C ALA A 285 24.46 17.42 -6.54
N GLY A 286 24.69 18.67 -6.91
CA GLY A 286 26.05 19.18 -7.07
C GLY A 286 26.92 18.93 -5.85
N SER A 287 26.47 19.40 -4.71
CA SER A 287 27.25 19.26 -3.49
C SER A 287 27.55 17.80 -3.13
N VAL A 288 26.60 16.90 -3.38
CA VAL A 288 26.78 15.48 -3.02
C VAL A 288 27.97 14.86 -3.79
N LEU A 289 28.01 15.07 -5.10
CA LEU A 289 29.12 14.58 -5.92
C LEU A 289 30.47 15.20 -5.52
N ARG A 290 30.42 16.49 -5.19
CA ARG A 290 31.60 17.28 -4.91
C ARG A 290 32.22 16.86 -3.57
N VAL A 291 31.57 15.93 -2.86
CA VAL A 291 32.17 15.38 -1.64
C VAL A 291 33.29 14.40 -2.02
N PHE A 292 33.16 13.77 -3.18
CA PHE A 292 34.10 12.72 -3.58
C PHE A 292 35.13 13.24 -4.59
N SER A 293 34.71 14.11 -5.51
CA SER A 293 35.61 14.76 -6.45
C SER A 293 34.91 15.88 -7.22
N ASN A 294 35.70 16.84 -7.70
CA ASN A 294 35.17 17.96 -8.48
C ASN A 294 34.75 17.53 -9.88
N ASP A 295 35.19 16.34 -10.29
CA ASP A 295 34.75 15.74 -11.54
C ASP A 295 33.55 14.81 -11.27
N LYS A 296 32.40 15.15 -11.86
CA LYS A 296 31.14 14.46 -11.57
C LYS A 296 31.31 12.97 -11.90
N ILE A 297 32.14 12.69 -12.90
CA ILE A 297 32.37 11.33 -13.39
C ILE A 297 33.26 10.54 -12.43
N GLN A 298 34.35 11.17 -11.98
CA GLN A 298 35.28 10.53 -11.03
C GLN A 298 34.61 10.28 -9.68
N ALA A 299 33.75 11.22 -9.29
CA ALA A 299 33.02 11.15 -8.03
C ALA A 299 32.15 9.89 -7.98
N ALA A 300 31.47 9.62 -9.08
CA ALA A 300 30.65 8.41 -9.22
C ALA A 300 31.50 7.14 -9.24
N ASN A 301 32.69 7.26 -9.82
CA ASN A 301 33.61 6.14 -9.95
C ASN A 301 34.18 5.73 -8.58
N ILE A 302 34.39 6.72 -7.71
CA ILE A 302 34.85 6.47 -6.35
C ILE A 302 33.73 5.79 -5.53
N ILE A 303 32.50 6.21 -5.79
CA ILE A 303 31.33 5.71 -5.06
C ILE A 303 31.08 4.27 -5.53
N ASN A 304 31.31 4.03 -6.82
CA ASN A 304 31.04 2.73 -7.39
C ASN A 304 32.07 1.69 -6.98
N THR A 305 33.09 2.11 -6.23
CA THR A 305 34.03 1.14 -5.68
C THR A 305 33.96 0.99 -4.14
N MET A 306 33.12 1.78 -3.47
CA MET A 306 32.99 1.67 -2.00
C MET A 306 31.64 1.07 -1.60
N THR A 307 31.61 0.42 -0.42
CA THR A 307 30.37 -0.20 0.04
C THR A 307 29.36 0.89 0.38
N PRO A 308 28.06 0.53 0.36
CA PRO A 308 27.02 1.52 0.64
C PRO A 308 27.13 2.12 2.05
N GLY A 309 27.70 1.34 2.98
CA GLY A 309 27.81 1.73 4.38
C GLY A 309 28.91 2.76 4.60
N ASP A 310 29.93 2.69 3.74
CA ASP A 310 30.96 3.73 3.65
C ASP A 310 30.32 4.99 3.12
N VAL A 311 29.48 4.84 2.10
CA VAL A 311 28.83 5.97 1.45
C VAL A 311 27.91 6.70 2.42
N TYR A 312 27.09 5.94 3.14
CA TYR A 312 26.31 6.53 4.22
C TYR A 312 27.26 7.20 5.20
N GLN A 313 28.29 6.48 5.63
CA GLN A 313 29.25 7.03 6.60
C GLN A 313 29.97 8.27 6.06
N THR A 314 30.32 8.25 4.76
CA THR A 314 31.00 9.39 4.15
C THR A 314 30.11 10.59 4.12
N LEU A 315 28.87 10.41 3.66
CA LEU A 315 27.97 11.56 3.54
C LEU A 315 27.54 12.06 4.91
N THR A 316 27.36 11.13 5.84
CA THR A 316 26.78 11.46 7.14
C THR A 316 27.82 12.19 8.03
N THR A 317 29.05 12.31 7.53
CA THR A 317 30.12 13.02 8.26
C THR A 317 30.90 14.06 7.43
N ARG A 318 31.20 13.75 6.18
CA ARG A 318 32.08 14.60 5.37
C ARG A 318 31.35 15.51 4.38
N HIS A 319 30.04 15.66 4.52
CA HIS A 319 29.30 16.61 3.69
C HIS A 319 29.36 17.95 4.40
N PRO A 320 29.51 19.06 3.62
CA PRO A 320 29.79 20.37 4.20
C PRO A 320 28.62 21.09 4.89
N SER A 321 27.39 20.76 4.53
CA SER A 321 26.21 21.32 5.22
C SER A 321 25.89 20.45 6.42
N ALA A 322 25.78 21.07 7.60
CA ALA A 322 25.42 20.34 8.81
C ALA A 322 23.97 19.87 8.65
N GLU A 323 23.17 20.70 7.98
CA GLU A 323 21.77 20.38 7.75
C GLU A 323 21.64 19.08 6.92
N SER A 324 22.44 18.99 5.85
CA SER A 324 22.39 17.85 4.95
C SER A 324 22.85 16.58 5.62
N ARG A 325 23.87 16.63 6.47
CA ARG A 325 24.36 15.45 7.21
C ARG A 325 23.25 14.91 8.13
N ARG A 326 22.56 15.82 8.81
CA ARG A 326 21.48 15.43 9.68
C ARG A 326 20.33 14.86 8.86
N TYR A 327 20.12 15.44 7.68
CA TYR A 327 18.97 15.10 6.86
C TYR A 327 19.03 13.65 6.40
N LEU A 328 20.22 13.21 6.01
CA LEU A 328 20.42 11.84 5.58
C LEU A 328 20.14 10.85 6.72
N TYR A 329 20.65 11.15 7.91
CA TYR A 329 20.39 10.28 9.04
C TYR A 329 18.88 10.21 9.35
N LYS A 330 18.21 11.37 9.32
CA LYS A 330 16.78 11.44 9.64
C LYS A 330 15.88 10.68 8.65
N VAL A 331 16.15 10.84 7.35
CA VAL A 331 15.34 10.22 6.31
C VAL A 331 15.56 8.72 6.30
N ASN A 332 16.82 8.32 6.43
CA ASN A 332 17.18 6.90 6.46
C ASN A 332 16.50 6.20 7.62
N THR A 333 16.43 6.88 8.75
CA THR A 333 15.78 6.34 9.93
C THR A 333 14.30 6.21 9.65
N ALA A 334 13.70 7.32 9.17
CA ALA A 334 12.29 7.32 8.83
C ALA A 334 11.95 6.14 7.88
N GLN A 335 12.78 5.94 6.84
CA GLN A 335 12.51 4.92 5.81
C GLN A 335 12.55 3.49 6.34
N LYS A 336 13.41 3.23 7.31
CA LYS A 336 13.52 1.88 7.86
C LYS A 336 12.23 1.43 8.56
N SER A 337 11.35 2.37 8.88
CA SER A 337 10.07 2.03 9.53
C SER A 337 8.92 2.15 8.53
N TYR A 338 9.21 2.51 7.28
CA TYR A 338 8.16 2.50 6.26
C TYR A 338 8.41 1.37 5.27
N ARG A 339 9.64 0.83 5.26
CA ARG A 339 10.04 -0.12 4.20
C ARG A 339 9.48 -1.51 4.42
N ARG A 340 9.30 -1.91 5.67
CA ARG A 340 8.83 -3.25 5.91
C ARG A 340 7.31 -3.26 5.95
N ARG A 341 6.76 -4.21 5.20
CA ARG A 341 5.34 -4.44 5.19
C ARG A 341 5.11 -5.98 5.29
N TRP B 12 -21.80 -30.16 6.57
CA TRP B 12 -23.14 -29.71 6.20
C TRP B 12 -23.08 -29.16 4.77
N VAL B 13 -24.01 -29.57 3.90
CA VAL B 13 -25.10 -30.50 4.22
C VAL B 13 -25.01 -31.78 3.43
N LYS B 14 -26.08 -31.93 2.64
CA LYS B 14 -26.20 -32.85 1.55
C LYS B 14 -26.07 -32.01 0.27
N ASP B 15 -25.98 -30.69 0.44
CA ASP B 15 -25.49 -29.80 -0.63
C ASP B 15 -24.12 -30.26 -1.04
N THR B 16 -23.30 -30.56 -0.06
CA THR B 16 -21.93 -31.01 -0.26
C THR B 16 -21.92 -32.38 -0.93
N ASN B 17 -22.87 -33.24 -0.59
CA ASN B 17 -22.94 -34.56 -1.22
C ASN B 17 -23.40 -34.46 -2.68
N GLY B 18 -24.36 -33.56 -2.91
CA GLY B 18 -24.83 -33.27 -4.25
C GLY B 18 -23.75 -32.68 -5.13
N PHE B 19 -22.83 -31.96 -4.52
CA PHE B 19 -21.68 -31.41 -5.21
C PHE B 19 -20.68 -32.54 -5.51
N ASP B 20 -20.62 -33.53 -4.61
CA ASP B 20 -19.79 -34.71 -4.81
C ASP B 20 -20.28 -35.47 -6.03
N ILE B 21 -21.60 -35.50 -6.18
CA ILE B 21 -22.25 -36.23 -7.26
C ILE B 21 -22.04 -35.50 -8.61
N LEU B 22 -22.27 -34.19 -8.59
CA LEU B 22 -21.99 -33.33 -9.74
C LEU B 22 -20.55 -33.53 -10.22
N MET B 23 -19.60 -33.48 -9.28
CA MET B 23 -18.18 -33.76 -9.56
C MET B 23 -17.92 -35.12 -10.21
N GLY B 24 -18.49 -36.18 -9.62
CA GLY B 24 -18.36 -37.52 -10.16
C GLY B 24 -18.81 -37.57 -11.60
N GLN B 25 -19.97 -36.99 -11.88
CA GLN B 25 -20.51 -36.94 -13.25
C GLN B 25 -19.64 -36.09 -14.19
N PHE B 26 -19.21 -34.93 -13.72
CA PHE B 26 -18.39 -34.02 -14.52
C PHE B 26 -17.15 -34.79 -14.94
N ALA B 27 -16.51 -35.46 -13.97
CA ALA B 27 -15.29 -36.16 -14.30
C ALA B 27 -15.60 -37.29 -15.26
N HIS B 28 -16.76 -37.92 -15.13
CA HIS B 28 -17.04 -39.10 -15.93
C HIS B 28 -17.36 -38.67 -17.37
N ASN B 29 -17.98 -37.50 -17.52
CA ASN B 29 -18.25 -36.97 -18.84
C ASN B 29 -17.00 -36.57 -19.66
N ILE B 30 -15.94 -36.19 -18.97
CA ILE B 30 -14.71 -35.83 -19.65
C ILE B 30 -14.05 -37.15 -20.08
N GLU B 31 -14.11 -38.10 -19.17
CA GLU B 31 -13.52 -39.41 -19.40
C GLU B 31 -14.11 -40.07 -20.62
N ASN B 32 -15.42 -39.94 -20.80
CA ASN B 32 -16.07 -40.61 -21.91
C ASN B 32 -15.67 -40.06 -23.29
N ILE B 33 -15.19 -38.81 -23.31
CA ILE B 33 -14.93 -38.11 -24.57
C ILE B 33 -13.46 -37.96 -24.85
N TRP B 34 -12.67 -37.73 -23.78
CA TRP B 34 -11.23 -37.49 -23.91
C TRP B 34 -10.41 -38.74 -23.48
N GLY B 35 -11.02 -39.61 -22.69
CA GLY B 35 -10.31 -40.74 -22.10
C GLY B 35 -9.75 -40.41 -20.73
N PHE B 36 -9.53 -41.44 -19.91
CA PHE B 36 -9.13 -41.21 -18.52
C PHE B 36 -7.81 -40.46 -18.43
N LYS B 37 -6.91 -40.74 -19.36
CA LYS B 37 -5.57 -40.17 -19.37
C LYS B 37 -5.58 -38.67 -19.71
N GLU B 38 -6.72 -38.18 -20.20
CA GLU B 38 -6.81 -36.77 -20.64
C GLU B 38 -7.77 -35.94 -19.79
N VAL B 39 -8.14 -36.46 -18.61
CA VAL B 39 -9.06 -35.78 -17.73
C VAL B 39 -8.36 -34.64 -16.98
N VAL B 40 -8.70 -33.40 -17.34
CA VAL B 40 -8.16 -32.20 -16.71
C VAL B 40 -9.29 -31.38 -16.09
N ILE B 41 -9.11 -30.95 -14.86
CA ILE B 41 -10.18 -30.28 -14.10
C ILE B 41 -9.68 -28.98 -13.45
N ALA B 42 -10.57 -28.00 -13.32
CA ALA B 42 -10.25 -26.76 -12.60
C ALA B 42 -9.61 -27.10 -11.27
N GLY B 43 -8.62 -26.30 -10.92
CA GLY B 43 -7.89 -26.45 -9.68
C GLY B 43 -7.58 -25.07 -9.14
N PRO B 44 -6.84 -25.02 -8.01
CA PRO B 44 -6.55 -23.75 -7.33
C PRO B 44 -5.76 -22.80 -8.21
N LYS B 45 -4.77 -23.33 -8.91
CA LYS B 45 -3.89 -22.48 -9.75
C LYS B 45 -4.15 -22.72 -11.24
N ASP B 46 -5.34 -23.23 -11.58
CA ASP B 46 -5.69 -23.59 -12.97
C ASP B 46 -7.16 -23.39 -13.22
N TYR B 47 -7.50 -22.54 -14.16
CA TYR B 47 -8.88 -22.40 -14.60
C TYR B 47 -9.12 -23.36 -15.79
N VAL B 48 -10.13 -24.23 -15.64
CA VAL B 48 -10.47 -25.16 -16.71
C VAL B 48 -11.98 -25.14 -16.90
N LYS B 49 -12.39 -24.76 -18.12
CA LYS B 49 -13.80 -24.64 -18.53
C LYS B 49 -14.11 -25.47 -19.77
N TYR B 50 -15.03 -26.43 -19.64
CA TYR B 50 -15.51 -27.24 -20.80
C TYR B 50 -16.73 -26.63 -21.50
N THR B 51 -16.72 -26.71 -22.82
CA THR B 51 -17.91 -26.35 -23.59
C THR B 51 -18.08 -27.40 -24.69
N ASP B 52 -19.08 -27.20 -25.55
CA ASP B 52 -19.28 -27.99 -26.75
C ASP B 52 -19.46 -29.46 -26.42
N GLN B 53 -20.33 -29.76 -25.44
CA GLN B 53 -20.60 -31.15 -25.00
C GLN B 53 -19.30 -31.85 -24.63
N TYR B 54 -18.45 -31.11 -23.92
CA TYR B 54 -17.15 -31.58 -23.39
C TYR B 54 -16.09 -31.79 -24.48
N GLN B 55 -16.42 -31.40 -25.70
CA GLN B 55 -15.49 -31.50 -26.83
C GLN B 55 -14.42 -30.39 -26.83
N THR B 56 -14.72 -29.25 -26.21
CA THR B 56 -13.73 -28.17 -26.15
C THR B 56 -13.48 -27.73 -24.69
N ARG B 57 -12.21 -27.56 -24.33
CA ARG B 57 -11.90 -27.01 -23.02
C ARG B 57 -10.89 -25.86 -23.11
N SER B 58 -11.02 -24.91 -22.19
CA SER B 58 -10.15 -23.71 -22.15
C SER B 58 -9.39 -23.69 -20.85
N HIS B 59 -8.07 -23.83 -20.92
CA HIS B 59 -7.26 -23.99 -19.71
C HIS B 59 -6.27 -22.83 -19.51
N ILE B 60 -6.46 -22.06 -18.43
CA ILE B 60 -5.50 -21.03 -18.02
C ILE B 60 -4.69 -21.58 -16.83
N ASN B 61 -3.40 -21.79 -17.06
CA ASN B 61 -2.46 -22.18 -16.01
C ASN B 61 -1.81 -20.92 -15.41
N PHE B 62 -2.23 -20.57 -14.20
CA PHE B 62 -1.81 -19.33 -13.59
C PHE B 62 -0.42 -19.48 -13.00
N ASP B 63 0.08 -20.70 -13.00
CA ASP B 63 1.36 -20.90 -12.36
C ASP B 63 2.51 -20.59 -13.35
N ASP B 64 2.39 -21.02 -14.60
CA ASP B 64 3.45 -20.78 -15.56
C ASP B 64 3.04 -19.86 -16.71
N GLY B 65 1.86 -19.26 -16.60
CA GLY B 65 1.44 -18.21 -17.51
C GLY B 65 1.11 -18.68 -18.91
N THR B 66 0.30 -19.71 -19.04
CA THR B 66 -0.06 -20.23 -20.35
C THR B 66 -1.56 -20.40 -20.42
N ILE B 67 -2.12 -20.17 -21.59
CA ILE B 67 -3.54 -20.40 -21.85
C ILE B 67 -3.60 -21.42 -22.97
N THR B 68 -4.11 -22.63 -22.72
CA THR B 68 -4.19 -23.69 -23.76
C THR B 68 -5.65 -23.99 -24.09
N ILE B 69 -6.02 -23.75 -25.34
CA ILE B 69 -7.39 -24.01 -25.81
C ILE B 69 -7.37 -25.30 -26.64
N GLU B 70 -8.15 -26.32 -26.24
CA GLU B 70 -8.14 -27.60 -26.93
C GLU B 70 -9.52 -28.05 -27.40
N THR B 71 -9.57 -28.74 -28.53
CA THR B 71 -10.82 -29.36 -28.93
C THR B 71 -10.57 -30.74 -29.49
N ILE B 72 -11.49 -31.63 -29.17
CA ILE B 72 -11.43 -32.99 -29.70
C ILE B 72 -12.65 -33.23 -30.61
N ALA B 73 -13.42 -32.17 -30.87
CA ALA B 73 -14.53 -32.27 -31.84
C ALA B 73 -14.05 -32.71 -33.24
N GLY B 74 -14.76 -33.65 -33.85
CA GLY B 74 -14.27 -34.16 -35.14
C GLY B 74 -14.61 -33.29 -36.34
N THR B 75 -15.75 -32.59 -36.25
CA THR B 75 -16.20 -31.73 -37.32
C THR B 75 -15.92 -30.27 -36.98
N GLU B 76 -15.30 -29.58 -37.91
CA GLU B 76 -14.96 -28.16 -37.77
C GLU B 76 -14.21 -27.83 -36.48
N PRO B 77 -13.07 -28.50 -36.23
CA PRO B 77 -12.40 -28.18 -34.98
C PRO B 77 -11.93 -26.72 -34.90
N ALA B 78 -11.40 -26.14 -35.98
CA ALA B 78 -10.88 -24.77 -35.91
C ALA B 78 -11.96 -23.75 -35.52
N ALA B 79 -13.17 -23.92 -36.05
CA ALA B 79 -14.25 -23.06 -35.66
C ALA B 79 -14.54 -23.26 -34.18
N HIS B 80 -14.44 -24.51 -33.68
CA HIS B 80 -14.60 -24.73 -32.23
C HIS B 80 -13.50 -23.99 -31.45
N LEU B 81 -12.26 -24.00 -31.96
CA LEU B 81 -11.17 -23.37 -31.25
C LEU B 81 -11.34 -21.85 -31.23
N ARG B 82 -11.73 -21.33 -32.39
CA ARG B 82 -11.89 -19.91 -32.57
C ARG B 82 -12.81 -19.30 -31.51
N ARG B 83 -13.91 -19.98 -31.20
CA ARG B 83 -14.88 -19.46 -30.24
C ARG B 83 -14.36 -19.51 -28.80
N ALA B 84 -13.67 -20.60 -28.46
CA ALA B 84 -13.14 -20.71 -27.12
C ALA B 84 -12.00 -19.71 -26.91
N ILE B 85 -11.18 -19.52 -27.93
CA ILE B 85 -10.13 -18.51 -27.87
C ILE B 85 -10.73 -17.15 -27.56
N ILE B 86 -11.73 -16.77 -28.33
CA ILE B 86 -12.35 -15.45 -28.20
C ILE B 86 -13.04 -15.33 -26.85
N LYS B 87 -13.80 -16.36 -26.44
CA LYS B 87 -14.53 -16.31 -25.18
C LYS B 87 -13.61 -16.18 -23.96
N THR B 88 -12.52 -16.93 -23.96
CA THR B 88 -11.55 -16.88 -22.86
C THR B 88 -10.82 -15.55 -22.75
N LEU B 89 -10.40 -14.98 -23.88
CA LEU B 89 -9.71 -13.68 -23.84
C LEU B 89 -10.59 -12.53 -23.34
N LEU B 90 -11.90 -12.58 -23.61
CA LEU B 90 -12.83 -11.49 -23.28
C LEU B 90 -13.71 -11.74 -22.03
N MET B 91 -13.62 -12.92 -21.41
CA MET B 91 -14.48 -13.22 -20.26
C MET B 91 -14.18 -12.25 -19.14
N GLY B 92 -15.23 -11.72 -18.53
CA GLY B 92 -15.12 -10.91 -17.35
C GLY B 92 -14.92 -11.82 -16.16
N ASP B 93 -14.20 -11.34 -15.16
CA ASP B 93 -14.12 -12.13 -13.94
C ASP B 93 -15.35 -11.85 -13.09
N ASP B 94 -16.21 -12.85 -13.06
CA ASP B 94 -17.24 -13.00 -12.05
C ASP B 94 -17.32 -14.47 -11.69
N PRO B 95 -16.50 -14.91 -10.72
CA PRO B 95 -16.40 -16.35 -10.45
C PRO B 95 -17.70 -16.84 -9.85
N SER B 96 -18.44 -15.92 -9.27
CA SER B 96 -19.75 -16.18 -8.64
C SER B 96 -20.81 -16.62 -9.66
N SER B 97 -20.52 -16.42 -10.93
CA SER B 97 -21.48 -16.74 -11.98
C SER B 97 -21.00 -17.89 -12.89
N VAL B 98 -19.80 -18.41 -12.64
CA VAL B 98 -19.17 -19.42 -13.52
C VAL B 98 -19.20 -20.83 -12.91
N ASP B 99 -19.58 -21.82 -13.72
CA ASP B 99 -19.63 -23.19 -13.23
C ASP B 99 -18.55 -24.02 -13.91
N LEU B 100 -17.45 -24.29 -13.20
CA LEU B 100 -16.32 -24.96 -13.84
C LEU B 100 -16.51 -26.46 -13.83
N TYR B 101 -17.70 -26.88 -13.41
CA TYR B 101 -18.02 -28.29 -13.30
C TYR B 101 -19.20 -28.61 -14.17
N SER B 102 -19.38 -27.79 -15.20
CA SER B 102 -20.34 -28.09 -16.24
C SER B 102 -19.83 -27.63 -17.60
N ASP B 103 -20.40 -28.20 -18.65
CA ASP B 103 -20.06 -27.83 -20.01
C ASP B 103 -21.02 -26.74 -20.52
N VAL B 104 -21.81 -26.19 -19.61
CA VAL B 104 -22.77 -25.16 -19.99
C VAL B 104 -22.02 -23.86 -20.23
N ASP B 105 -22.46 -23.11 -21.25
CA ASP B 105 -21.87 -21.80 -21.62
C ASP B 105 -22.32 -20.67 -20.70
N ASP B 106 -21.39 -20.17 -19.87
CA ASP B 106 -21.68 -19.02 -19.02
C ASP B 106 -21.45 -17.76 -19.86
N ILE B 107 -22.51 -16.97 -20.07
CA ILE B 107 -22.31 -15.73 -20.81
C ILE B 107 -21.51 -14.83 -19.87
N THR B 108 -20.24 -14.63 -20.19
CA THR B 108 -19.37 -13.99 -19.24
C THR B 108 -18.48 -12.91 -19.84
N ILE B 109 -18.86 -12.37 -21.00
CA ILE B 109 -17.97 -11.40 -21.59
C ILE B 109 -18.38 -9.99 -21.18
N SER B 110 -17.39 -9.26 -20.65
CA SER B 110 -17.54 -7.87 -20.25
C SER B 110 -16.56 -6.98 -21.00
N LYS B 111 -16.74 -5.67 -20.82
CA LYS B 111 -15.86 -4.67 -21.41
C LYS B 111 -14.49 -4.60 -20.73
N GLU B 112 -14.39 -5.20 -19.54
CA GLU B 112 -13.09 -5.30 -18.87
C GLU B 112 -12.82 -6.75 -18.54
N PRO B 113 -12.18 -7.44 -19.48
CA PRO B 113 -11.74 -8.83 -19.37
C PRO B 113 -10.85 -9.11 -18.16
N PHE B 114 -11.00 -10.29 -17.56
CA PHE B 114 -10.15 -10.67 -16.46
C PHE B 114 -8.70 -10.71 -16.92
N LEU B 115 -8.49 -11.23 -18.12
CA LEU B 115 -7.14 -11.33 -18.66
C LEU B 115 -6.61 -10.01 -19.29
N TYR B 116 -7.38 -8.92 -19.21
CA TYR B 116 -6.95 -7.66 -19.83
C TYR B 116 -5.63 -7.17 -19.24
N GLY B 117 -4.58 -7.15 -20.06
CA GLY B 117 -3.25 -6.83 -19.58
C GLY B 117 -2.34 -7.99 -19.22
N GLN B 118 -2.89 -9.21 -19.13
CA GLN B 118 -2.06 -10.35 -18.82
C GLN B 118 -1.61 -11.03 -20.11
N VAL B 119 -2.37 -10.84 -21.19
CA VAL B 119 -1.97 -11.29 -22.54
C VAL B 119 -2.09 -10.21 -23.59
N VAL B 120 -1.19 -10.28 -24.55
CA VAL B 120 -1.22 -9.40 -25.72
C VAL B 120 -1.35 -10.22 -26.99
N ASP B 121 -1.93 -9.60 -28.02
CA ASP B 121 -2.03 -10.27 -29.31
C ASP B 121 -0.68 -10.26 -29.98
N ASN B 122 -0.62 -10.77 -31.22
CA ASN B 122 0.69 -10.89 -31.87
C ASN B 122 1.24 -9.51 -32.28
N THR B 123 0.44 -8.46 -32.21
CA THR B 123 0.97 -7.11 -32.41
C THR B 123 1.34 -6.43 -31.09
N GLY B 124 1.25 -7.17 -29.98
CA GLY B 124 1.70 -6.70 -28.69
C GLY B 124 0.68 -5.84 -27.99
N GLN B 125 -0.55 -5.80 -28.52
CA GLN B 125 -1.63 -5.02 -27.92
C GLN B 125 -2.56 -5.85 -27.01
N PRO B 126 -3.01 -5.25 -25.89
CA PRO B 126 -3.96 -5.99 -25.06
C PRO B 126 -5.32 -6.08 -25.75
N ILE B 127 -6.15 -7.01 -25.26
CA ILE B 127 -7.36 -7.41 -25.94
C ILE B 127 -8.60 -7.21 -25.06
N ARG B 128 -9.52 -6.36 -25.49
CA ARG B 128 -10.71 -6.11 -24.67
C ARG B 128 -11.99 -6.01 -25.46
N TRP B 129 -11.88 -6.07 -26.77
CA TRP B 129 -13.06 -6.07 -27.64
C TRP B 129 -12.92 -7.27 -28.59
N GLU B 130 -14.01 -7.61 -29.26
CA GLU B 130 -14.06 -8.84 -30.06
C GLU B 130 -13.30 -8.71 -31.38
N GLY B 131 -13.12 -7.47 -31.84
CA GLY B 131 -12.45 -7.27 -33.11
C GLY B 131 -11.04 -7.80 -33.05
N ARG B 132 -10.28 -7.31 -32.06
CA ARG B 132 -8.90 -7.73 -31.85
C ARG B 132 -8.80 -9.17 -31.37
N ALA B 133 -9.77 -9.61 -30.56
CA ALA B 133 -9.75 -10.99 -30.10
C ALA B 133 -9.88 -11.93 -31.26
N SER B 134 -10.80 -11.63 -32.18
CA SER B 134 -10.99 -12.49 -33.36
C SER B 134 -9.73 -12.56 -34.21
N ASN B 135 -9.13 -11.38 -34.49
CA ASN B 135 -7.91 -11.32 -35.30
C ASN B 135 -6.77 -12.18 -34.76
N PHE B 136 -6.66 -12.20 -33.44
CA PHE B 136 -5.58 -12.92 -32.80
C PHE B 136 -5.88 -14.42 -32.87
N ALA B 137 -7.16 -14.79 -32.82
CA ALA B 137 -7.51 -16.20 -32.87
C ALA B 137 -7.17 -16.74 -34.25
N ASP B 138 -7.54 -15.97 -35.28
CA ASP B 138 -7.25 -16.35 -36.68
C ASP B 138 -5.74 -16.47 -36.88
N TYR B 139 -4.98 -15.56 -36.28
CA TYR B 139 -3.53 -15.68 -36.32
C TYR B 139 -3.06 -16.96 -35.68
N LEU B 140 -3.50 -17.23 -34.45
CA LEU B 140 -3.05 -18.42 -33.75
C LEU B 140 -3.40 -19.69 -34.54
N LEU B 141 -4.55 -19.68 -35.18
CA LEU B 141 -5.00 -20.85 -35.92
C LEU B 141 -4.16 -21.09 -37.20
N LYS B 142 -3.55 -20.02 -37.72
CA LYS B 142 -2.75 -20.07 -38.94
C LYS B 142 -1.26 -20.35 -38.65
N ASN B 143 -0.81 -19.98 -37.45
CA ASN B 143 0.62 -20.02 -37.17
C ASN B 143 0.98 -20.77 -35.88
N ARG B 144 -0.02 -21.08 -35.06
CA ARG B 144 0.26 -21.75 -33.78
C ARG B 144 -0.67 -22.97 -33.51
N LEU B 145 -1.20 -23.55 -34.58
CA LEU B 145 -2.12 -24.66 -34.47
C LEU B 145 -1.39 -25.97 -34.26
N LYS B 146 -1.66 -26.64 -33.14
CA LYS B 146 -0.97 -27.90 -32.87
C LYS B 146 -1.96 -29.05 -32.97
N SER B 147 -1.42 -30.26 -33.06
CA SER B 147 -2.29 -31.43 -33.08
C SER B 147 -1.56 -32.61 -32.46
N ARG B 148 -2.30 -33.37 -31.67
CA ARG B 148 -1.79 -34.57 -31.02
C ARG B 148 -2.96 -35.58 -31.03
N SER B 149 -2.67 -36.85 -30.83
CA SER B 149 -3.71 -37.89 -30.76
C SER B 149 -3.88 -38.47 -29.34
N ASN B 150 -5.10 -38.75 -28.90
CA ASN B 150 -5.22 -39.37 -27.59
C ASN B 150 -5.10 -40.89 -27.71
N GLY B 151 -4.67 -41.35 -28.89
CA GLY B 151 -4.62 -42.78 -29.16
C GLY B 151 -5.76 -43.16 -30.08
N LEU B 152 -6.80 -42.33 -30.10
CA LEU B 152 -8.06 -42.67 -30.74
C LEU B 152 -8.51 -41.62 -31.73
N ARG B 153 -8.18 -40.37 -31.43
CA ARG B 153 -8.64 -39.22 -32.23
C ARG B 153 -7.77 -37.99 -31.97
N ILE B 154 -7.83 -37.04 -32.90
CA ILE B 154 -6.91 -35.91 -32.92
C ILE B 154 -7.37 -34.78 -32.06
N ILE B 155 -6.51 -34.36 -31.16
CA ILE B 155 -6.79 -33.15 -30.39
C ILE B 155 -6.09 -31.96 -30.99
N TYR B 156 -6.87 -30.99 -31.45
CA TYR B 156 -6.29 -29.76 -31.96
C TYR B 156 -6.17 -28.71 -30.85
N SER B 157 -5.06 -27.97 -30.82
CA SER B 157 -4.89 -26.98 -29.78
C SER B 157 -4.07 -25.75 -30.23
N VAL B 158 -4.22 -24.71 -29.40
CA VAL B 158 -3.53 -23.44 -29.49
C VAL B 158 -3.01 -23.06 -28.11
N THR B 159 -1.73 -22.74 -28.03
CA THR B 159 -1.16 -22.22 -26.78
C THR B 159 -0.82 -20.71 -26.87
N ILE B 160 -1.18 -19.96 -25.83
CA ILE B 160 -0.89 -18.55 -25.78
C ILE B 160 -0.11 -18.25 -24.49
N ASN B 161 1.04 -17.60 -24.64
CA ASN B 161 1.82 -17.26 -23.45
C ASN B 161 1.42 -15.91 -22.87
N MET B 162 1.22 -15.84 -21.55
CA MET B 162 0.80 -14.60 -20.93
C MET B 162 2.00 -13.66 -20.78
N VAL B 163 1.78 -12.38 -20.51
CA VAL B 163 2.91 -11.49 -20.32
C VAL B 163 3.79 -12.00 -19.17
N PRO B 164 5.11 -11.74 -19.23
CA PRO B 164 6.07 -12.24 -18.24
C PRO B 164 5.69 -11.97 -16.78
N ASN B 165 5.12 -10.79 -16.51
CA ASN B 165 4.75 -10.37 -15.16
C ASN B 165 3.25 -10.47 -14.96
N HIS B 166 2.67 -11.52 -15.52
CA HIS B 166 1.25 -11.80 -15.40
C HIS B 166 0.87 -11.94 -13.92
N LEU B 167 1.78 -12.47 -13.12
CA LEU B 167 1.51 -12.63 -11.69
C LEU B 167 1.35 -11.30 -10.94
N ASP B 168 2.22 -10.34 -11.24
CA ASP B 168 2.16 -9.05 -10.58
C ASP B 168 0.92 -8.36 -11.04
N LYS B 169 0.55 -8.60 -12.29
CA LYS B 169 -0.59 -7.88 -12.80
C LYS B 169 -1.93 -8.31 -12.17
N ARG B 170 -2.18 -9.60 -11.83
CA ARG B 170 -3.44 -9.93 -11.13
C ARG B 170 -3.32 -9.65 -9.63
N ALA B 171 -2.13 -9.80 -9.09
CA ALA B 171 -2.00 -9.45 -7.68
C ALA B 171 -2.32 -7.97 -7.46
N HIS B 172 -2.09 -7.13 -8.50
CA HIS B 172 -2.41 -5.69 -8.42
C HIS B 172 -3.89 -5.43 -8.13
N LYS B 173 -4.74 -6.36 -8.57
CA LYS B 173 -6.17 -6.24 -8.36
C LYS B 173 -6.60 -6.30 -6.90
N TYR B 174 -5.74 -6.85 -6.04
CA TYR B 174 -6.17 -7.20 -4.69
C TYR B 174 -5.34 -6.53 -3.60
N LEU B 175 -4.54 -5.55 -3.96
CA LEU B 175 -3.65 -4.87 -3.02
C LEU B 175 -4.44 -3.99 -2.05
N GLY B 176 -5.48 -3.33 -2.56
CA GLY B 176 -6.33 -2.52 -1.69
C GLY B 176 -6.98 -3.38 -0.64
N MET B 177 -7.52 -4.52 -1.07
CA MET B 177 -8.13 -5.49 -0.16
C MET B 177 -7.14 -6.02 0.87
N VAL B 178 -5.93 -6.33 0.44
CA VAL B 178 -4.89 -6.81 1.38
C VAL B 178 -4.51 -5.75 2.42
N ARG B 179 -4.43 -4.50 1.98
CA ARG B 179 -4.05 -3.37 2.81
C ARG B 179 -5.11 -3.18 3.89
N GLN B 180 -6.37 -3.15 3.49
CA GLN B 180 -7.50 -3.07 4.42
C GLN B 180 -7.48 -4.20 5.44
N ALA B 181 -7.37 -5.44 4.95
CA ALA B 181 -7.35 -6.63 5.82
C ALA B 181 -6.14 -6.57 6.75
N SER B 182 -5.01 -6.12 6.22
CA SER B 182 -3.81 -5.99 7.06
C SER B 182 -4.04 -5.03 8.23
N ARG B 183 -4.64 -3.88 7.94
CA ARG B 183 -4.80 -2.85 8.95
C ARG B 183 -5.87 -3.31 9.94
N LYS B 184 -6.88 -4.01 9.42
CA LYS B 184 -8.02 -4.48 10.23
C LYS B 184 -7.63 -5.52 11.26
N TYR B 185 -6.84 -6.50 10.83
CA TYR B 185 -6.57 -7.67 11.67
C TYR B 185 -5.17 -7.67 12.28
N GLY B 186 -4.28 -6.82 11.79
CA GLY B 186 -2.96 -6.79 12.38
C GLY B 186 -2.01 -7.85 11.82
N VAL B 187 -2.30 -8.30 10.61
CA VAL B 187 -1.45 -9.26 9.92
C VAL B 187 -0.69 -8.59 8.77
N ASP B 188 0.62 -8.87 8.64
CA ASP B 188 1.47 -8.24 7.61
C ASP B 188 0.95 -8.45 6.21
N GLU B 189 0.89 -7.38 5.43
CA GLU B 189 0.56 -7.46 4.01
C GLU B 189 1.44 -8.50 3.31
N SER B 190 2.73 -8.56 3.67
CA SER B 190 3.60 -9.48 2.94
C SER B 190 3.27 -10.91 3.21
N LEU B 191 2.77 -11.23 4.43
CA LEU B 191 2.34 -12.58 4.75
C LEU B 191 1.09 -12.86 3.98
N ILE B 192 0.14 -11.93 3.98
CA ILE B 192 -1.13 -12.16 3.27
C ILE B 192 -0.94 -12.48 1.80
N LEU B 193 -0.12 -11.66 1.12
CA LEU B 193 0.17 -11.86 -0.30
C LEU B 193 0.92 -13.18 -0.53
N ALA B 194 1.81 -13.53 0.38
CA ALA B 194 2.61 -14.73 0.21
C ALA B 194 1.77 -16.01 0.31
N ILE B 195 0.83 -16.02 1.25
CA ILE B 195 -0.16 -17.10 1.42
C ILE B 195 -1.07 -17.14 0.19
N MET B 196 -1.54 -15.96 -0.21
CA MET B 196 -2.43 -15.80 -1.37
C MET B 196 -1.75 -16.31 -2.64
N GLN B 197 -0.49 -15.95 -2.82
CA GLN B 197 0.24 -16.41 -4.02
C GLN B 197 0.40 -17.94 -4.11
N THR B 198 0.73 -18.55 -2.96
CA THR B 198 1.02 -19.97 -2.85
C THR B 198 -0.27 -20.83 -2.91
N GLU B 199 -1.37 -20.26 -2.47
CA GLU B 199 -2.64 -20.95 -2.49
C GLU B 199 -3.25 -20.91 -3.90
N SER B 200 -3.26 -19.74 -4.54
CA SER B 200 -3.98 -19.61 -5.81
C SER B 200 -3.28 -18.93 -7.00
N SER B 201 -2.06 -18.42 -6.80
CA SER B 201 -1.45 -17.44 -7.73
C SER B 201 -2.44 -16.37 -8.14
N PHE B 202 -3.21 -15.88 -7.19
CA PHE B 202 -4.15 -14.77 -7.45
C PHE B 202 -5.16 -15.14 -8.53
N ASN B 203 -5.65 -16.38 -8.47
CA ASN B 203 -6.75 -16.85 -9.33
C ASN B 203 -8.08 -16.71 -8.59
N PRO B 204 -8.97 -15.82 -9.08
CA PRO B 204 -10.25 -15.69 -8.36
C PRO B 204 -11.18 -16.90 -8.59
N TYR B 205 -10.81 -17.82 -9.47
CA TYR B 205 -11.67 -19.02 -9.69
C TYR B 205 -11.12 -20.24 -8.97
N ALA B 206 -10.09 -20.05 -8.16
CA ALA B 206 -9.44 -21.14 -7.45
C ALA B 206 -10.43 -22.02 -6.67
N VAL B 207 -10.36 -23.33 -6.95
CA VAL B 207 -11.20 -24.34 -6.31
C VAL B 207 -10.35 -25.57 -6.10
N SER B 208 -10.37 -26.07 -4.87
CA SER B 208 -9.55 -27.24 -4.51
C SER B 208 -10.40 -28.49 -4.39
N ARG B 209 -9.76 -29.63 -4.22
CA ARG B 209 -10.54 -30.84 -4.00
C ARG B 209 -10.43 -31.24 -2.54
N SER B 210 -9.99 -30.28 -1.73
CA SER B 210 -10.11 -30.31 -0.28
C SER B 210 -11.10 -29.22 0.18
N ASP B 211 -11.95 -28.79 -0.75
CA ASP B 211 -13.05 -27.86 -0.50
C ASP B 211 -12.60 -26.40 -0.22
N ALA B 212 -11.35 -26.07 -0.54
CA ALA B 212 -10.88 -24.69 -0.44
C ALA B 212 -11.42 -23.84 -1.62
N LEU B 213 -11.93 -22.66 -1.27
CA LEU B 213 -12.54 -21.77 -2.24
C LEU B 213 -11.81 -20.43 -2.37
N GLY B 214 -11.64 -19.94 -3.58
CA GLY B 214 -11.27 -18.54 -3.74
C GLY B 214 -9.81 -18.20 -3.52
N LEU B 215 -9.50 -16.91 -3.43
CA LEU B 215 -8.11 -16.47 -3.54
C LEU B 215 -7.16 -17.01 -2.46
N MET B 216 -7.62 -17.07 -1.22
CA MET B 216 -6.77 -17.49 -0.11
C MET B 216 -7.12 -18.93 0.29
N GLN B 217 -7.98 -19.56 -0.52
CA GLN B 217 -8.31 -20.97 -0.38
C GLN B 217 -8.82 -21.26 1.03
N VAL B 218 -9.98 -20.68 1.32
CA VAL B 218 -10.62 -20.73 2.63
C VAL B 218 -11.51 -21.99 2.63
N VAL B 219 -11.25 -22.88 3.55
CA VAL B 219 -12.09 -24.06 3.77
C VAL B 219 -13.31 -23.65 4.59
N GLN B 220 -14.50 -23.69 4.00
CA GLN B 220 -15.71 -23.16 4.64
C GLN B 220 -15.99 -23.64 6.06
N HIS B 221 -15.95 -24.96 6.26
CA HIS B 221 -16.41 -25.59 7.51
C HIS B 221 -15.41 -25.59 8.66
N THR B 222 -14.12 -25.47 8.38
CA THR B 222 -13.13 -25.34 9.46
C THR B 222 -12.71 -23.87 9.65
N ALA B 223 -11.87 -23.36 8.76
CA ALA B 223 -11.35 -22.00 8.96
C ALA B 223 -12.47 -20.97 8.91
N GLY B 224 -13.31 -21.10 7.88
CA GLY B 224 -14.45 -20.21 7.65
C GLY B 224 -15.37 -20.17 8.85
N LYS B 225 -15.78 -21.35 9.33
CA LYS B 225 -16.65 -21.44 10.50
C LYS B 225 -15.98 -20.81 11.73
N ASP B 226 -14.72 -21.16 11.98
CA ASP B 226 -13.94 -20.59 13.10
C ASP B 226 -13.90 -19.05 13.10
N VAL B 227 -13.74 -18.48 11.91
CA VAL B 227 -13.55 -17.04 11.77
C VAL B 227 -14.87 -16.35 12.06
N PHE B 228 -15.95 -16.98 11.58
CA PHE B 228 -17.27 -16.47 11.88
C PHE B 228 -17.51 -16.50 13.40
N ARG B 229 -17.08 -17.56 14.08
CA ARG B 229 -17.27 -17.61 15.54
C ARG B 229 -16.51 -16.48 16.22
N SER B 230 -15.27 -16.26 15.77
CA SER B 230 -14.40 -15.24 16.37
C SER B 230 -15.01 -13.85 16.21
N GLN B 231 -15.87 -13.70 15.21
CA GLN B 231 -16.50 -12.43 14.90
C GLN B 231 -17.93 -12.44 15.41
N GLY B 232 -18.25 -13.43 16.25
CA GLY B 232 -19.55 -13.50 16.89
C GLY B 232 -20.71 -13.85 15.97
N LYS B 233 -20.42 -14.55 14.87
CA LYS B 233 -21.47 -15.04 13.98
C LYS B 233 -21.67 -16.55 14.11
N SER B 234 -22.89 -17.02 13.84
CA SER B 234 -23.12 -18.45 13.78
C SER B 234 -23.19 -18.88 12.32
N GLY B 235 -22.97 -20.16 12.09
CA GLY B 235 -22.95 -20.66 10.73
C GLY B 235 -21.60 -20.46 10.05
N THR B 236 -21.58 -20.71 8.75
CA THR B 236 -20.35 -20.68 8.00
C THR B 236 -20.48 -19.74 6.83
N PRO B 237 -19.35 -19.23 6.29
CA PRO B 237 -19.51 -18.38 5.12
C PRO B 237 -20.02 -19.18 3.91
N SER B 238 -20.95 -18.58 3.17
CA SER B 238 -21.45 -19.20 1.97
C SER B 238 -20.38 -19.27 0.84
N ARG B 239 -20.69 -20.09 -0.14
CA ARG B 239 -19.78 -20.34 -1.24
C ARG B 239 -19.66 -19.08 -2.08
N SER B 240 -20.78 -18.39 -2.25
CA SER B 240 -20.79 -17.14 -3.00
C SER B 240 -19.98 -16.11 -2.23
N PHE B 241 -20.13 -16.13 -0.91
CA PHE B 241 -19.42 -15.21 -0.03
C PHE B 241 -17.91 -15.36 -0.23
N LEU B 242 -17.45 -16.59 -0.42
CA LEU B 242 -16.02 -16.78 -0.44
C LEU B 242 -15.45 -16.52 -1.84
N PHE B 243 -16.31 -16.44 -2.86
CA PHE B 243 -15.80 -16.11 -4.21
C PHE B 243 -15.79 -14.60 -4.52
N ASP B 244 -16.27 -13.81 -3.54
CA ASP B 244 -16.00 -12.38 -3.52
C ASP B 244 -14.63 -12.12 -2.91
N PRO B 245 -13.71 -11.58 -3.74
CA PRO B 245 -12.30 -11.37 -3.36
C PRO B 245 -12.10 -10.68 -2.01
N ALA B 246 -12.81 -9.57 -1.76
CA ALA B 246 -12.62 -8.80 -0.53
C ALA B 246 -13.06 -9.62 0.66
N SER B 247 -14.20 -10.28 0.49
CA SER B 247 -14.72 -11.20 1.50
C SER B 247 -13.73 -12.32 1.74
N ASN B 248 -13.15 -12.80 0.64
CA ASN B 248 -12.22 -13.92 0.76
C ASN B 248 -10.98 -13.55 1.56
N ILE B 249 -10.32 -12.49 1.10
CA ILE B 249 -9.14 -11.94 1.71
C ILE B 249 -9.38 -11.56 3.21
N ASP B 250 -10.52 -10.92 3.49
CA ASP B 250 -10.86 -10.62 4.86
C ASP B 250 -10.95 -11.94 5.66
N THR B 251 -11.64 -12.95 5.12
CA THR B 251 -11.77 -14.18 5.87
C THR B 251 -10.41 -14.90 6.03
N GLY B 252 -9.62 -14.96 4.97
CA GLY B 252 -8.34 -15.63 5.10
C GLY B 252 -7.41 -14.93 6.07
N THR B 253 -7.43 -13.60 6.06
CA THR B 253 -6.59 -12.85 6.97
C THR B 253 -7.05 -12.94 8.41
N ALA B 254 -8.35 -12.92 8.66
CA ALA B 254 -8.81 -13.22 10.03
C ALA B 254 -8.26 -14.56 10.50
N TYR B 255 -8.26 -15.59 9.65
CA TYR B 255 -7.79 -16.92 10.15
C TYR B 255 -6.31 -16.93 10.50
N LEU B 256 -5.52 -16.21 9.71
CA LEU B 256 -4.11 -15.96 10.05
C LEU B 256 -3.95 -15.27 11.43
N ALA B 257 -4.79 -14.27 11.73
CA ALA B 257 -4.64 -13.52 12.99
C ALA B 257 -5.11 -14.43 14.11
N MET B 258 -6.14 -15.22 13.82
CA MET B 258 -6.65 -16.20 14.77
C MET B 258 -5.60 -17.29 15.05
N LEU B 259 -4.95 -17.79 14.01
CA LEU B 259 -3.92 -18.79 14.25
C LEU B 259 -2.80 -18.20 15.11
N ASN B 260 -2.51 -16.91 14.92
CA ASN B 260 -1.39 -16.29 15.60
C ASN B 260 -1.67 -15.96 17.08
N ASN B 261 -2.88 -15.49 17.35
CA ASN B 261 -3.33 -15.06 18.66
C ASN B 261 -3.84 -16.18 19.56
N VAL B 262 -4.66 -17.04 18.97
CA VAL B 262 -5.36 -18.03 19.73
C VAL B 262 -4.71 -19.39 19.70
N TYR B 263 -4.70 -20.01 18.52
CA TYR B 263 -4.33 -21.41 18.43
C TYR B 263 -2.86 -21.64 18.70
N LEU B 264 -2.02 -20.74 18.21
CA LEU B 264 -0.57 -20.90 18.33
C LEU B 264 0.02 -19.83 19.25
N GLY B 265 -0.82 -19.22 20.08
CA GLY B 265 -0.43 -18.12 20.95
C GLY B 265 0.56 -18.48 22.06
N GLY B 266 0.72 -19.77 22.33
CA GLY B 266 1.69 -20.21 23.33
C GLY B 266 3.14 -20.14 22.85
N ILE B 267 3.32 -20.04 21.54
CA ILE B 267 4.65 -19.91 20.98
C ILE B 267 5.11 -18.47 21.21
N ASP B 268 6.29 -18.32 21.82
CA ASP B 268 6.74 -17.02 22.27
C ASP B 268 7.55 -16.28 21.21
N ASN B 269 8.52 -16.94 20.62
CA ASN B 269 9.29 -16.28 19.57
C ASN B 269 8.38 -16.03 18.38
N PRO B 270 8.21 -14.74 18.02
CA PRO B 270 7.26 -14.30 16.98
C PRO B 270 7.57 -14.85 15.58
N THR B 271 8.84 -15.18 15.33
CA THR B 271 9.20 -15.74 14.05
C THR B 271 9.02 -17.26 14.12
N SER B 272 9.19 -17.86 15.30
CA SER B 272 8.85 -19.27 15.45
C SER B 272 7.37 -19.35 15.23
N ARG B 273 6.63 -18.42 15.83
CA ARG B 273 5.19 -18.45 15.70
C ARG B 273 4.77 -18.34 14.23
N ARG B 274 5.37 -17.41 13.49
CA ARG B 274 5.04 -17.25 12.08
C ARG B 274 5.21 -18.55 11.26
N TYR B 275 6.33 -19.25 11.40
CA TYR B 275 6.51 -20.53 10.70
C TYR B 275 5.39 -21.53 11.04
N ALA B 276 5.03 -21.60 12.34
CA ALA B 276 3.98 -22.47 12.83
C ALA B 276 2.65 -22.05 12.25
N VAL B 277 2.41 -20.73 12.21
CA VAL B 277 1.17 -20.21 11.63
C VAL B 277 1.06 -20.51 10.13
N ILE B 278 2.16 -20.38 9.38
CA ILE B 278 2.10 -20.62 7.95
C ILE B 278 1.76 -22.07 7.66
N THR B 279 2.47 -22.95 8.34
CA THR B 279 2.23 -24.38 8.22
C THR B 279 0.81 -24.73 8.64
N ALA B 280 0.34 -24.08 9.70
CA ALA B 280 -1.00 -24.39 10.22
C ALA B 280 -2.11 -23.90 9.27
N TYR B 281 -1.84 -22.85 8.52
CA TYR B 281 -2.83 -22.33 7.57
C TYR B 281 -3.20 -23.44 6.60
N ASN B 282 -2.21 -24.28 6.30
CA ASN B 282 -2.39 -25.30 5.29
C ASN B 282 -2.84 -26.65 5.87
N GLY B 283 -2.26 -27.02 7.01
CA GLY B 283 -2.39 -28.36 7.57
C GLY B 283 -3.18 -28.44 8.86
N GLY B 284 -3.44 -27.29 9.50
CA GLY B 284 -4.21 -27.23 10.74
C GLY B 284 -3.34 -26.99 11.96
N ALA B 285 -3.84 -26.23 12.94
CA ALA B 285 -3.00 -25.91 14.10
C ALA B 285 -2.59 -27.15 14.88
N GLY B 286 -3.56 -28.09 15.05
CA GLY B 286 -3.34 -29.35 15.73
C GLY B 286 -2.15 -30.13 15.23
N SER B 287 -2.08 -30.35 13.92
CA SER B 287 -0.99 -31.11 13.29
C SER B 287 0.39 -30.47 13.52
N VAL B 288 0.43 -29.14 13.51
CA VAL B 288 1.71 -28.43 13.73
C VAL B 288 2.21 -28.68 15.13
N LEU B 289 1.34 -28.45 16.11
CA LEU B 289 1.70 -28.72 17.50
C LEU B 289 2.05 -30.19 17.67
N ARG B 290 1.32 -31.07 17.00
CA ARG B 290 1.54 -32.49 17.23
C ARG B 290 2.87 -32.97 16.66
N VAL B 291 3.61 -32.09 15.98
CA VAL B 291 4.93 -32.48 15.50
C VAL B 291 5.86 -32.56 16.70
N PHE B 292 5.50 -31.81 17.74
CA PHE B 292 6.37 -31.62 18.88
C PHE B 292 5.95 -32.43 20.09
N SER B 293 4.64 -32.50 20.30
CA SER B 293 4.05 -33.22 21.40
C SER B 293 2.55 -33.39 21.22
N ASN B 294 2.02 -34.49 21.75
CA ASN B 294 0.58 -34.72 21.70
C ASN B 294 -0.14 -33.88 22.72
N ASP B 295 0.60 -33.37 23.71
CA ASP B 295 0.01 -32.42 24.64
C ASP B 295 0.31 -31.04 24.08
N LYS B 296 -0.74 -30.27 23.80
CA LYS B 296 -0.59 -28.97 23.17
C LYS B 296 0.24 -28.01 24.03
N ILE B 297 0.16 -28.18 25.35
CA ILE B 297 0.89 -27.31 26.25
C ILE B 297 2.38 -27.69 26.18
N GLN B 298 2.70 -28.98 26.30
CA GLN B 298 4.10 -29.39 26.19
C GLN B 298 4.67 -29.07 24.82
N ALA B 299 3.83 -29.17 23.80
CA ALA B 299 4.26 -28.92 22.43
C ALA B 299 4.76 -27.49 22.28
N ALA B 300 4.01 -26.54 22.84
CA ALA B 300 4.45 -25.14 22.80
C ALA B 300 5.69 -24.90 23.64
N ASN B 301 5.78 -25.59 24.78
CA ASN B 301 6.93 -25.43 25.66
C ASN B 301 8.19 -25.97 25.00
N ILE B 302 8.02 -27.06 24.26
CA ILE B 302 9.12 -27.66 23.53
C ILE B 302 9.59 -26.74 22.39
N ILE B 303 8.66 -25.98 21.81
CA ILE B 303 9.00 -25.09 20.68
C ILE B 303 9.77 -23.87 21.19
N ASN B 304 9.41 -23.43 22.39
CA ASN B 304 10.04 -22.28 23.03
C ASN B 304 11.45 -22.56 23.59
N THR B 305 11.92 -23.79 23.41
CA THR B 305 13.28 -24.16 23.79
C THR B 305 14.10 -24.26 22.54
N MET B 306 13.43 -23.97 21.43
CA MET B 306 14.08 -23.97 20.12
C MET B 306 14.22 -22.59 19.47
N THR B 307 15.27 -22.44 18.65
CA THR B 307 15.47 -21.26 17.82
C THR B 307 14.50 -21.37 16.65
N PRO B 308 14.16 -20.23 16.01
CA PRO B 308 13.21 -20.28 14.90
C PRO B 308 13.73 -21.08 13.72
N GLY B 309 15.04 -21.14 13.58
CA GLY B 309 15.64 -21.83 12.45
C GLY B 309 15.55 -23.33 12.67
N ASP B 310 15.60 -23.74 13.94
CA ASP B 310 15.36 -25.13 14.29
C ASP B 310 13.91 -25.47 14.00
N VAL B 311 13.00 -24.58 14.39
CA VAL B 311 11.58 -24.80 14.18
C VAL B 311 11.23 -24.92 12.69
N TYR B 312 11.75 -23.98 11.90
CA TYR B 312 11.61 -24.03 10.46
C TYR B 312 12.12 -25.35 9.94
N GLN B 313 13.32 -25.73 10.39
CA GLN B 313 13.97 -26.98 9.99
C GLN B 313 13.14 -28.21 10.36
N THR B 314 12.55 -28.18 11.55
CA THR B 314 11.71 -29.29 12.02
C THR B 314 10.45 -29.44 11.21
N LEU B 315 9.78 -28.31 10.94
CA LEU B 315 8.51 -28.36 10.24
C LEU B 315 8.68 -28.74 8.76
N THR B 316 9.78 -28.30 8.14
CA THR B 316 9.97 -28.55 6.72
C THR B 316 10.50 -29.96 6.45
N THR B 317 10.80 -30.71 7.50
CA THR B 317 11.33 -32.05 7.31
C THR B 317 10.56 -33.09 8.10
N ARG B 318 10.07 -32.72 9.30
CA ARG B 318 9.40 -33.68 10.17
C ARG B 318 7.86 -33.55 10.27
N HIS B 319 7.24 -32.69 9.44
CA HIS B 319 5.77 -32.60 9.41
C HIS B 319 5.27 -33.71 8.47
N PRO B 320 4.17 -34.39 8.85
CA PRO B 320 3.71 -35.64 8.20
C PRO B 320 3.09 -35.49 6.79
N SER B 321 2.57 -34.29 6.49
CA SER B 321 2.08 -33.92 5.16
C SER B 321 3.19 -33.37 4.25
N ALA B 322 3.33 -33.94 3.06
CA ALA B 322 4.35 -33.49 2.12
C ALA B 322 4.01 -32.09 1.71
N GLU B 323 2.71 -31.89 1.54
CA GLU B 323 2.17 -30.62 1.11
C GLU B 323 2.50 -29.49 2.10
N SER B 324 2.29 -29.74 3.40
CA SER B 324 2.56 -28.74 4.45
C SER B 324 4.05 -28.44 4.60
N ARG B 325 4.88 -29.47 4.47
CA ARG B 325 6.33 -29.26 4.47
C ARG B 325 6.73 -28.37 3.32
N ARG B 326 6.17 -28.61 2.15
CA ARG B 326 6.53 -27.78 0.98
C ARG B 326 5.94 -26.36 1.13
N TYR B 327 4.77 -26.26 1.75
CA TYR B 327 4.05 -24.98 1.84
C TYR B 327 4.81 -23.96 2.62
N LEU B 328 5.40 -24.43 3.72
CA LEU B 328 6.15 -23.51 4.57
C LEU B 328 7.30 -22.93 3.78
N TYR B 329 8.01 -23.76 3.04
CA TYR B 329 9.12 -23.25 2.27
C TYR B 329 8.64 -22.23 1.23
N LYS B 330 7.58 -22.58 0.51
CA LYS B 330 7.10 -21.69 -0.54
C LYS B 330 6.57 -20.37 0.00
N VAL B 331 5.83 -20.41 1.11
CA VAL B 331 5.23 -19.18 1.63
C VAL B 331 6.32 -18.30 2.18
N ASN B 332 7.22 -18.90 2.97
CA ASN B 332 8.35 -18.14 3.51
C ASN B 332 9.23 -17.50 2.41
N THR B 333 9.42 -18.20 1.30
CA THR B 333 10.18 -17.68 0.15
C THR B 333 9.45 -16.51 -0.49
N ALA B 334 8.19 -16.76 -0.86
CA ALA B 334 7.36 -15.70 -1.42
C ALA B 334 7.30 -14.43 -0.53
N GLN B 335 7.20 -14.62 0.79
CA GLN B 335 7.03 -13.48 1.70
C GLN B 335 8.23 -12.54 1.61
N LYS B 336 9.39 -13.12 1.35
CA LYS B 336 10.62 -12.35 1.30
C LYS B 336 10.59 -11.37 0.14
N SER B 337 9.74 -11.62 -0.84
CA SER B 337 9.70 -10.76 -2.03
C SER B 337 8.52 -9.80 -1.94
N TYR B 338 7.79 -9.89 -0.84
CA TYR B 338 6.70 -8.95 -0.57
C TYR B 338 6.99 -8.00 0.60
N ARG B 339 8.10 -8.25 1.33
CA ARG B 339 8.36 -7.54 2.58
C ARG B 339 8.74 -6.07 2.42
N ARG B 340 9.48 -5.76 1.36
CA ARG B 340 10.00 -4.41 1.20
C ARG B 340 9.11 -3.54 0.28
N ARG B 341 8.87 -2.31 0.73
CA ARG B 341 8.17 -1.33 -0.10
C ARG B 341 8.84 0.05 0.04
#